data_2OUK
#
_entry.id   2OUK
#
_cell.length_a   73.164
_cell.length_b   80.628
_cell.length_c   95.584
_cell.angle_alpha   90.000
_cell.angle_beta   104.230
_cell.angle_gamma   90.000
#
_symmetry.space_group_name_H-M   'P 1 21 1'
#
loop_
_entity.id
_entity.type
_entity.pdbx_description
1 polymer 'protein ArtP'
2 non-polymer 'SULFATE ION'
3 water water
#
_entity_poly.entity_id   1
_entity_poly.type   'polypeptide(L)'
_entity_poly.pdbx_seq_one_letter_code
;MGSSHHHHHHSSGLVPRGSHMLQMIDVHQLKKSFGSLEVLKGINVHIREGEVVVVIGPSGSGKSTFLRCLNLLEDFDEGE
IIIDGINLKAKDTNLNKVREEVGMVFQRFNLFPHMTVLNNITLAPMKVRKWPREKAEAKAMELLDKVGLKDKAHAYPDSL
SGGQAQRVAIARALAMEPKIMLFDEPTSALDPEMVGEVLSVMKQLANEGMTMVVVTHEMGFAREVGDRVLFMDGGYIIEE
GKPEDLFDRPQHERTKAFLSKVF
;
_entity_poly.pdbx_strand_id   A,B,C,D
#
# COMPACT_ATOMS: atom_id res chain seq x y z
N LEU A 22 -24.55 27.04 -2.49
CA LEU A 22 -23.87 28.31 -2.86
C LEU A 22 -23.20 28.17 -4.22
N GLN A 23 -23.27 29.23 -5.02
CA GLN A 23 -22.67 29.21 -6.35
C GLN A 23 -21.19 28.83 -6.31
N MET A 24 -20.82 27.92 -7.21
CA MET A 24 -19.45 27.45 -7.30
C MET A 24 -18.54 28.57 -7.80
N ILE A 25 -19.04 29.31 -8.79
CA ILE A 25 -18.31 30.41 -9.38
C ILE A 25 -19.27 31.60 -9.50
N ASP A 26 -18.91 32.69 -8.82
CA ASP A 26 -19.73 33.90 -8.80
C ASP A 26 -18.86 35.09 -9.23
N VAL A 27 -19.00 35.50 -10.49
CA VAL A 27 -18.24 36.61 -11.05
C VAL A 27 -19.15 37.79 -11.37
N HIS A 28 -18.85 38.95 -10.78
CA HIS A 28 -19.65 40.16 -10.97
C HIS A 28 -18.80 41.31 -11.52
N GLN A 29 -19.23 41.88 -12.65
CA GLN A 29 -18.55 42.99 -13.32
C GLN A 29 -17.02 42.90 -13.27
N LEU A 30 -16.50 41.77 -13.73
CA LEU A 30 -15.05 41.55 -13.76
C LEU A 30 -14.37 42.38 -14.84
N LYS A 31 -13.31 43.10 -14.46
CA LYS A 31 -12.55 43.91 -15.40
C LYS A 31 -11.07 43.66 -15.16
N LYS A 32 -10.32 43.52 -16.25
CA LYS A 32 -8.88 43.28 -16.17
C LYS A 32 -8.15 44.03 -17.28
N SER A 33 -7.04 44.66 -16.91
CA SER A 33 -6.24 45.41 -17.86
C SER A 33 -4.75 45.18 -17.66
N PHE A 34 -4.05 45.10 -18.79
CA PHE A 34 -2.61 44.90 -18.82
C PHE A 34 -2.08 46.21 -19.40
N GLY A 35 -1.66 47.13 -18.53
CA GLY A 35 -1.16 48.40 -19.00
C GLY A 35 -2.30 49.16 -19.66
N SER A 36 -2.11 49.59 -20.90
CA SER A 36 -3.15 50.31 -21.61
C SER A 36 -4.10 49.33 -22.32
N LEU A 37 -3.81 48.05 -22.21
CA LEU A 37 -4.63 47.02 -22.85
C LEU A 37 -5.57 46.41 -21.82
N GLU A 38 -6.87 46.52 -22.07
CA GLU A 38 -7.88 45.97 -21.16
C GLU A 38 -8.44 44.67 -21.75
N VAL A 39 -7.98 43.54 -21.24
CA VAL A 39 -8.41 42.23 -21.73
C VAL A 39 -9.87 41.90 -21.39
N LEU A 40 -10.27 42.10 -20.14
CA LEU A 40 -11.64 41.85 -19.72
C LEU A 40 -12.26 43.22 -19.44
N LYS A 41 -13.45 43.46 -19.94
CA LYS A 41 -14.07 44.76 -19.76
C LYS A 41 -15.48 44.77 -19.15
N GLY A 42 -15.78 43.80 -18.30
CA GLY A 42 -17.09 43.75 -17.67
C GLY A 42 -17.78 42.41 -17.81
N ILE A 43 -17.16 41.38 -17.25
CA ILE A 43 -17.70 40.03 -17.30
C ILE A 43 -18.58 39.67 -16.09
N ASN A 44 -19.70 39.00 -16.37
CA ASN A 44 -20.63 38.54 -15.33
C ASN A 44 -20.90 37.07 -15.62
N VAL A 45 -20.44 36.20 -14.74
CA VAL A 45 -20.63 34.76 -14.91
C VAL A 45 -21.05 34.11 -13.60
N HIS A 46 -22.07 33.26 -13.67
CA HIS A 46 -22.56 32.56 -12.50
C HIS A 46 -22.77 31.10 -12.84
N ILE A 47 -21.85 30.27 -12.33
CA ILE A 47 -21.85 28.84 -12.58
C ILE A 47 -22.18 28.07 -11.30
N ARG A 48 -23.17 27.19 -11.37
CA ARG A 48 -23.51 26.40 -10.19
C ARG A 48 -22.87 25.02 -10.28
N GLU A 49 -22.83 24.31 -9.16
CA GLU A 49 -22.22 23.00 -9.09
C GLU A 49 -22.71 22.00 -10.13
N GLY A 50 -21.80 21.17 -10.63
CA GLY A 50 -22.16 20.17 -11.63
C GLY A 50 -22.30 20.69 -13.05
N GLU A 51 -22.24 22.00 -13.20
CA GLU A 51 -22.37 22.58 -14.53
C GLU A 51 -21.08 22.43 -15.35
N VAL A 52 -21.25 22.16 -16.65
CA VAL A 52 -20.11 22.05 -17.56
C VAL A 52 -20.24 23.22 -18.52
N VAL A 53 -19.46 24.27 -18.27
CA VAL A 53 -19.50 25.46 -19.11
C VAL A 53 -18.32 25.55 -20.08
N VAL A 54 -18.63 25.68 -21.37
CA VAL A 54 -17.61 25.78 -22.40
C VAL A 54 -17.52 27.23 -22.87
N VAL A 55 -16.30 27.72 -23.01
CA VAL A 55 -16.06 29.10 -23.43
C VAL A 55 -15.39 29.11 -24.80
N ILE A 56 -15.93 29.87 -25.75
CA ILE A 56 -15.34 29.94 -27.08
C ILE A 56 -15.24 31.37 -27.56
N GLY A 57 -14.42 31.58 -28.59
CA GLY A 57 -14.24 32.90 -29.14
C GLY A 57 -12.91 33.05 -29.84
N PRO A 58 -12.72 34.16 -30.56
CA PRO A 58 -11.48 34.42 -31.29
C PRO A 58 -10.34 34.74 -30.34
N SER A 59 -9.11 34.58 -30.83
CA SER A 59 -7.94 34.87 -30.02
C SER A 59 -8.06 36.30 -29.51
N GLY A 60 -7.42 36.57 -28.38
CA GLY A 60 -7.47 37.90 -27.80
C GLY A 60 -8.80 38.24 -27.19
N SER A 61 -9.69 37.25 -27.11
CA SER A 61 -11.01 37.48 -26.51
C SER A 61 -10.91 37.60 -25.00
N GLY A 62 -9.84 37.08 -24.42
CA GLY A 62 -9.66 37.13 -22.98
C GLY A 62 -10.14 35.87 -22.30
N LYS A 63 -10.21 34.77 -23.07
CA LYS A 63 -10.67 33.49 -22.53
C LYS A 63 -9.71 32.96 -21.48
N SER A 64 -8.42 32.91 -21.80
CA SER A 64 -7.41 32.42 -20.87
C SER A 64 -7.27 33.35 -19.66
N THR A 65 -7.37 34.65 -19.89
CA THR A 65 -7.24 35.60 -18.81
C THR A 65 -8.37 35.37 -17.82
N PHE A 66 -9.57 35.18 -18.35
CA PHE A 66 -10.74 34.93 -17.51
C PHE A 66 -10.50 33.75 -16.58
N LEU A 67 -10.08 32.63 -17.15
CA LEU A 67 -9.80 31.42 -16.38
C LEU A 67 -8.78 31.61 -15.26
N ARG A 68 -7.67 32.24 -15.60
CA ARG A 68 -6.59 32.47 -14.63
C ARG A 68 -7.01 33.41 -13.50
N CYS A 69 -8.07 34.19 -13.71
CA CYS A 69 -8.56 35.08 -12.66
C CYS A 69 -9.34 34.25 -11.65
N LEU A 70 -9.95 33.17 -12.13
CA LEU A 70 -10.76 32.29 -11.29
C LEU A 70 -9.95 31.52 -10.24
N ASN A 71 -8.67 31.27 -10.52
CA ASN A 71 -7.85 30.54 -9.56
C ASN A 71 -6.57 31.25 -9.11
N LEU A 72 -6.68 32.57 -9.01
CA LEU A 72 -5.58 33.42 -8.55
C LEU A 72 -4.28 33.42 -9.37
N LEU A 73 -4.27 32.85 -10.56
CA LEU A 73 -3.04 32.87 -11.33
C LEU A 73 -2.84 34.28 -11.88
N GLU A 74 -3.95 34.98 -12.12
CA GLU A 74 -3.92 36.34 -12.63
C GLU A 74 -4.77 37.24 -11.71
N ASP A 75 -4.37 38.49 -11.54
CA ASP A 75 -5.14 39.40 -10.70
C ASP A 75 -6.12 40.19 -11.57
N PHE A 76 -7.07 40.88 -10.96
CA PHE A 76 -8.03 41.66 -11.71
C PHE A 76 -8.21 43.06 -11.12
N ASP A 77 -8.66 44.00 -11.95
CA ASP A 77 -8.85 45.39 -11.53
C ASP A 77 -10.19 45.76 -10.90
N GLU A 78 -11.28 45.23 -11.45
CA GLU A 78 -12.60 45.55 -10.92
C GLU A 78 -13.51 44.35 -10.75
N GLY A 79 -14.64 44.58 -10.07
CA GLY A 79 -15.61 43.53 -9.83
C GLY A 79 -15.16 42.58 -8.74
N GLU A 80 -15.96 41.55 -8.48
CA GLU A 80 -15.60 40.59 -7.45
C GLU A 80 -15.75 39.17 -7.95
N ILE A 81 -14.94 38.26 -7.41
CA ILE A 81 -14.99 36.86 -7.79
C ILE A 81 -15.04 36.02 -6.52
N ILE A 82 -16.06 35.20 -6.39
CA ILE A 82 -16.19 34.33 -5.24
C ILE A 82 -16.22 32.88 -5.74
N ILE A 83 -15.24 32.09 -5.31
CA ILE A 83 -15.17 30.69 -5.70
C ILE A 83 -15.61 29.84 -4.51
N ASP A 84 -16.74 29.16 -4.67
CA ASP A 84 -17.31 28.34 -3.60
C ASP A 84 -17.16 29.04 -2.24
N GLY A 85 -17.72 30.24 -2.14
CA GLY A 85 -17.65 31.00 -0.90
C GLY A 85 -16.43 31.86 -0.67
N ILE A 86 -15.31 31.55 -1.33
CA ILE A 86 -14.07 32.30 -1.15
C ILE A 86 -13.93 33.56 -2.02
N ASN A 87 -13.97 34.72 -1.38
CA ASN A 87 -13.81 35.97 -2.11
C ASN A 87 -12.32 36.06 -2.40
N LEU A 88 -11.96 36.09 -3.67
CA LEU A 88 -10.55 36.12 -4.06
C LEU A 88 -9.72 37.32 -3.61
N LYS A 89 -10.38 38.40 -3.19
CA LYS A 89 -9.64 39.55 -2.72
C LYS A 89 -9.71 39.75 -1.21
N ALA A 90 -10.30 38.82 -0.50
CA ALA A 90 -10.35 38.91 0.96
C ALA A 90 -8.90 38.82 1.43
N LYS A 91 -8.57 39.51 2.53
CA LYS A 91 -7.19 39.47 3.04
C LYS A 91 -6.74 38.11 3.54
N ASP A 92 -7.68 37.22 3.86
CA ASP A 92 -7.31 35.88 4.35
C ASP A 92 -7.30 34.86 3.21
N THR A 93 -7.36 35.33 1.98
CA THR A 93 -7.33 34.45 0.82
C THR A 93 -5.90 34.32 0.32
N ASN A 94 -5.51 33.11 -0.05
CA ASN A 94 -4.16 32.86 -0.55
C ASN A 94 -4.16 31.64 -1.47
N LEU A 95 -3.15 31.57 -2.32
CA LEU A 95 -2.98 30.49 -3.29
C LEU A 95 -3.35 29.08 -2.81
N ASN A 96 -2.88 28.69 -1.63
CA ASN A 96 -3.19 27.36 -1.11
C ASN A 96 -4.67 27.15 -0.80
N LYS A 97 -5.35 28.20 -0.36
CA LYS A 97 -6.77 28.11 -0.04
C LYS A 97 -7.58 27.90 -1.32
N VAL A 98 -7.18 28.60 -2.38
CA VAL A 98 -7.83 28.48 -3.67
C VAL A 98 -7.51 27.11 -4.31
N ARG A 99 -6.25 26.71 -4.23
CA ARG A 99 -5.82 25.44 -4.80
C ARG A 99 -6.56 24.25 -4.21
N GLU A 100 -7.17 24.44 -3.04
CA GLU A 100 -7.91 23.35 -2.40
C GLU A 100 -9.29 23.22 -3.02
N GLU A 101 -9.73 24.27 -3.70
CA GLU A 101 -11.04 24.28 -4.32
C GLU A 101 -11.01 24.17 -5.84
N VAL A 102 -9.97 24.72 -6.48
CA VAL A 102 -9.87 24.72 -7.93
C VAL A 102 -8.64 24.05 -8.53
N GLY A 103 -8.85 23.23 -9.55
CA GLY A 103 -7.75 22.58 -10.25
C GLY A 103 -7.68 23.13 -11.66
N MET A 104 -6.52 23.06 -12.32
CA MET A 104 -6.41 23.55 -13.69
C MET A 104 -5.51 22.71 -14.57
N VAL A 105 -5.92 22.58 -15.83
CA VAL A 105 -5.19 21.82 -16.83
C VAL A 105 -4.88 22.82 -17.94
N PHE A 106 -3.63 22.85 -18.39
CA PHE A 106 -3.21 23.80 -19.43
C PHE A 106 -2.95 23.20 -20.79
N GLN A 107 -2.78 24.08 -21.77
CA GLN A 107 -2.50 23.65 -23.12
C GLN A 107 -1.15 22.95 -23.15
N ARG A 108 -0.22 23.45 -22.35
CA ARG A 108 1.11 22.84 -22.33
C ARG A 108 1.51 22.28 -20.97
N PHE A 109 1.22 20.99 -20.82
CA PHE A 109 1.50 20.22 -19.62
C PHE A 109 2.99 20.05 -19.35
N ASN A 110 3.33 19.94 -18.07
CA ASN A 110 4.71 19.76 -17.65
C ASN A 110 4.76 18.81 -16.46
N LEU A 111 5.57 17.76 -16.58
CA LEU A 111 5.70 16.77 -15.53
C LEU A 111 7.18 16.62 -15.13
N PHE A 112 7.43 16.12 -13.92
CA PHE A 112 8.80 15.92 -13.47
C PHE A 112 9.23 14.50 -13.83
N PRO A 113 10.19 14.36 -14.77
CA PRO A 113 10.67 13.03 -15.18
C PRO A 113 11.61 12.42 -14.13
N HIS A 114 11.95 13.21 -13.12
CA HIS A 114 12.83 12.76 -12.05
C HIS A 114 12.10 11.78 -11.13
N MET A 115 10.77 11.86 -11.10
CA MET A 115 9.98 10.99 -10.23
C MET A 115 8.89 10.25 -11.01
N THR A 116 8.38 9.17 -10.44
CA THR A 116 7.35 8.39 -11.13
C THR A 116 6.05 9.14 -11.30
N VAL A 117 5.24 8.64 -12.22
CA VAL A 117 3.95 9.22 -12.48
C VAL A 117 3.15 9.33 -11.16
N LEU A 118 3.24 8.29 -10.34
CA LEU A 118 2.53 8.26 -9.07
C LEU A 118 2.99 9.37 -8.15
N ASN A 119 4.31 9.57 -8.09
CA ASN A 119 4.88 10.60 -7.24
C ASN A 119 4.57 12.00 -7.77
N ASN A 120 4.43 12.12 -9.08
CA ASN A 120 4.10 13.41 -9.68
C ASN A 120 2.68 13.79 -9.23
N ILE A 121 1.82 12.80 -9.06
CA ILE A 121 0.44 13.03 -8.66
C ILE A 121 0.27 13.34 -7.15
N THR A 122 0.89 12.52 -6.30
CA THR A 122 0.79 12.71 -4.85
C THR A 122 1.59 13.88 -4.27
N LEU A 123 2.46 14.47 -5.07
CA LEU A 123 3.27 15.59 -4.60
C LEU A 123 2.45 16.67 -3.91
N ALA A 124 1.59 17.35 -4.65
CA ALA A 124 0.80 18.43 -4.07
C ALA A 124 -0.10 18.04 -2.89
N PRO A 125 -0.92 16.98 -3.05
CA PRO A 125 -1.76 16.63 -1.90
C PRO A 125 -0.99 16.33 -0.62
N MET A 126 0.14 15.64 -0.74
CA MET A 126 0.91 15.32 0.45
C MET A 126 1.48 16.55 1.14
N LYS A 127 1.97 17.50 0.35
CA LYS A 127 2.55 18.73 0.89
C LYS A 127 1.52 19.68 1.50
N VAL A 128 0.44 19.92 0.78
CA VAL A 128 -0.61 20.83 1.23
C VAL A 128 -1.59 20.20 2.22
N ARG A 129 -2.28 19.13 1.80
CA ARG A 129 -3.25 18.47 2.68
C ARG A 129 -2.62 17.59 3.76
N LYS A 130 -1.31 17.45 3.71
CA LYS A 130 -0.58 16.67 4.70
C LYS A 130 -0.98 15.20 4.80
N TRP A 131 -1.62 14.66 3.77
CA TRP A 131 -2.02 13.25 3.80
C TRP A 131 -0.82 12.34 3.89
N PRO A 132 -0.95 11.24 4.63
CA PRO A 132 0.16 10.29 4.75
C PRO A 132 0.33 9.68 3.37
N ARG A 133 1.58 9.37 2.99
CA ARG A 133 1.87 8.80 1.68
C ARG A 133 0.95 7.65 1.27
N GLU A 134 0.68 6.72 2.19
CA GLU A 134 -0.18 5.58 1.88
C GLU A 134 -1.55 6.04 1.43
N LYS A 135 -2.12 7.00 2.15
CA LYS A 135 -3.43 7.54 1.83
C LYS A 135 -3.43 8.22 0.46
N ALA A 136 -2.44 9.09 0.25
CA ALA A 136 -2.31 9.81 -1.01
C ALA A 136 -2.10 8.87 -2.20
N GLU A 137 -1.23 7.87 -2.05
CA GLU A 137 -0.96 6.95 -3.15
C GLU A 137 -2.15 6.11 -3.54
N ALA A 138 -2.97 5.73 -2.56
CA ALA A 138 -4.15 4.92 -2.84
C ALA A 138 -5.13 5.73 -3.69
N LYS A 139 -5.31 6.99 -3.32
CA LYS A 139 -6.21 7.86 -4.06
C LYS A 139 -5.65 8.12 -5.46
N ALA A 140 -4.33 8.26 -5.55
CA ALA A 140 -3.66 8.52 -6.82
C ALA A 140 -3.83 7.35 -7.80
N MET A 141 -3.70 6.13 -7.30
CA MET A 141 -3.85 4.94 -8.13
C MET A 141 -5.26 4.90 -8.72
N GLU A 142 -6.23 5.31 -7.91
CA GLU A 142 -7.63 5.35 -8.31
C GLU A 142 -7.80 6.37 -9.45
N LEU A 143 -7.08 7.47 -9.38
CA LEU A 143 -7.17 8.49 -10.42
C LEU A 143 -6.48 8.06 -11.73
N LEU A 144 -5.41 7.29 -11.61
CA LEU A 144 -4.71 6.84 -12.81
C LEU A 144 -5.58 5.83 -13.54
N ASP A 145 -6.36 5.06 -12.77
CA ASP A 145 -7.24 4.07 -13.36
C ASP A 145 -8.38 4.80 -14.06
N LYS A 146 -8.84 5.86 -13.43
CA LYS A 146 -9.91 6.68 -13.99
C LYS A 146 -9.49 7.25 -15.36
N VAL A 147 -8.28 7.80 -15.45
CA VAL A 147 -7.79 8.37 -16.71
C VAL A 147 -7.18 7.35 -17.65
N GLY A 148 -7.29 6.07 -17.27
CA GLY A 148 -6.78 4.99 -18.11
C GLY A 148 -5.29 4.72 -18.16
N LEU A 149 -4.55 5.09 -17.11
CA LEU A 149 -3.12 4.86 -17.10
C LEU A 149 -2.63 4.20 -15.82
N LYS A 150 -3.39 3.24 -15.30
CA LYS A 150 -3.00 2.56 -14.08
C LYS A 150 -1.72 1.73 -14.29
N ASP A 151 -1.43 1.42 -15.55
CA ASP A 151 -0.25 0.64 -15.88
C ASP A 151 1.02 1.51 -16.02
N LYS A 152 0.89 2.80 -15.77
CA LYS A 152 2.04 3.72 -15.87
C LYS A 152 2.45 4.28 -14.51
N ALA A 153 1.79 3.82 -13.44
CA ALA A 153 2.09 4.31 -12.09
C ALA A 153 3.58 4.42 -11.77
N HIS A 154 4.35 3.41 -12.16
CA HIS A 154 5.77 3.42 -11.84
C HIS A 154 6.69 3.79 -12.99
N ALA A 155 6.10 4.30 -14.06
CA ALA A 155 6.88 4.76 -15.20
C ALA A 155 7.22 6.21 -14.85
N TYR A 156 8.11 6.81 -15.64
CA TYR A 156 8.49 8.20 -15.42
C TYR A 156 7.89 8.98 -16.57
N PRO A 157 7.36 10.18 -16.31
CA PRO A 157 6.73 11.05 -17.31
C PRO A 157 7.43 11.21 -18.66
N ASP A 158 8.77 11.12 -18.71
CA ASP A 158 9.46 11.31 -19.99
C ASP A 158 9.25 10.19 -21.02
N SER A 159 8.68 9.07 -20.59
CA SER A 159 8.40 7.98 -21.52
C SER A 159 6.97 8.08 -22.03
N LEU A 160 6.24 9.10 -21.60
CA LEU A 160 4.86 9.26 -22.01
C LEU A 160 4.67 10.16 -23.22
N SER A 161 3.74 9.77 -24.09
CA SER A 161 3.41 10.55 -25.29
C SER A 161 2.55 11.71 -24.81
N GLY A 162 2.32 12.69 -25.68
CA GLY A 162 1.51 13.84 -25.31
C GLY A 162 0.14 13.50 -24.73
N GLY A 163 -0.55 12.55 -25.35
CA GLY A 163 -1.87 12.14 -24.87
C GLY A 163 -1.85 11.56 -23.48
N GLN A 164 -0.81 10.79 -23.17
CA GLN A 164 -0.69 10.18 -21.84
C GLN A 164 -0.29 11.22 -20.79
N ALA A 165 0.70 12.05 -21.12
CA ALA A 165 1.15 13.08 -20.19
C ALA A 165 0.01 14.03 -19.81
N GLN A 166 -0.84 14.41 -20.76
CA GLN A 166 -1.92 15.32 -20.41
C GLN A 166 -2.95 14.63 -19.52
N ARG A 167 -3.14 13.32 -19.70
CA ARG A 167 -4.09 12.60 -18.86
C ARG A 167 -3.51 12.46 -17.45
N VAL A 168 -2.20 12.38 -17.34
CA VAL A 168 -1.56 12.29 -16.04
C VAL A 168 -1.70 13.65 -15.35
N ALA A 169 -1.60 14.73 -16.12
CA ALA A 169 -1.73 16.08 -15.58
C ALA A 169 -3.15 16.30 -15.09
N ILE A 170 -4.12 15.69 -15.77
CA ILE A 170 -5.51 15.82 -15.33
C ILE A 170 -5.61 15.10 -13.97
N ALA A 171 -5.04 13.90 -13.93
CA ALA A 171 -5.01 13.09 -12.72
C ALA A 171 -4.34 13.86 -11.58
N ARG A 172 -3.26 14.57 -11.91
CA ARG A 172 -2.54 15.35 -10.92
C ARG A 172 -3.43 16.46 -10.39
N ALA A 173 -4.09 17.18 -11.29
CA ALA A 173 -4.99 18.26 -10.91
C ALA A 173 -6.10 17.72 -10.02
N LEU A 174 -6.59 16.53 -10.30
CA LEU A 174 -7.67 15.94 -9.50
C LEU A 174 -7.23 15.46 -8.13
N ALA A 175 -5.94 15.19 -7.96
CA ALA A 175 -5.42 14.69 -6.69
C ALA A 175 -5.71 15.63 -5.52
N MET A 176 -5.77 16.92 -5.80
CA MET A 176 -6.07 17.91 -4.76
C MET A 176 -7.56 17.87 -4.42
N GLU A 177 -8.31 17.02 -5.12
CA GLU A 177 -9.74 16.89 -4.92
C GLU A 177 -10.45 18.24 -4.94
N PRO A 178 -10.32 18.98 -6.05
CA PRO A 178 -10.96 20.29 -6.16
C PRO A 178 -12.45 20.11 -6.44
N LYS A 179 -13.24 21.15 -6.21
CA LYS A 179 -14.67 21.08 -6.48
C LYS A 179 -14.90 21.61 -7.91
N ILE A 180 -13.89 22.26 -8.45
CA ILE A 180 -13.98 22.87 -9.78
C ILE A 180 -12.73 22.56 -10.62
N MET A 181 -12.96 22.19 -11.88
CA MET A 181 -11.86 21.89 -12.77
C MET A 181 -11.86 22.86 -13.95
N LEU A 182 -10.73 23.53 -14.15
CA LEU A 182 -10.59 24.48 -15.25
C LEU A 182 -9.68 23.87 -16.32
N PHE A 183 -10.08 23.99 -17.58
CA PHE A 183 -9.32 23.46 -18.71
C PHE A 183 -9.06 24.58 -19.69
N ASP A 184 -7.79 24.82 -19.99
CA ASP A 184 -7.45 25.86 -20.94
C ASP A 184 -6.90 25.19 -22.19
N GLU A 185 -7.78 24.94 -23.16
CA GLU A 185 -7.39 24.28 -24.40
C GLU A 185 -6.40 23.15 -24.13
N PRO A 186 -6.82 22.09 -23.41
CA PRO A 186 -5.92 20.98 -23.11
C PRO A 186 -5.51 20.10 -24.29
N THR A 187 -6.20 20.20 -25.42
CA THR A 187 -5.85 19.37 -26.57
C THR A 187 -5.32 20.11 -27.79
N SER A 188 -5.36 21.44 -27.77
CA SER A 188 -4.90 22.23 -28.92
C SER A 188 -3.44 22.00 -29.30
N ALA A 189 -2.61 21.58 -28.35
CA ALA A 189 -1.20 21.35 -28.66
C ALA A 189 -0.92 19.88 -28.94
N LEU A 190 -1.95 19.05 -28.85
CA LEU A 190 -1.78 17.62 -29.09
C LEU A 190 -1.97 17.23 -30.55
N ASP A 191 -1.27 16.17 -30.96
CA ASP A 191 -1.43 15.65 -32.32
C ASP A 191 -2.89 15.18 -32.40
N PRO A 192 -3.49 15.26 -33.59
CA PRO A 192 -4.89 14.83 -33.77
C PRO A 192 -5.20 13.45 -33.18
N GLU A 193 -4.28 12.51 -33.35
CA GLU A 193 -4.47 11.14 -32.86
C GLU A 193 -4.46 10.99 -31.35
N MET A 194 -4.08 12.04 -30.64
CA MET A 194 -4.04 11.99 -29.17
C MET A 194 -5.10 12.86 -28.52
N VAL A 195 -5.91 13.53 -29.33
CA VAL A 195 -6.96 14.40 -28.81
C VAL A 195 -8.12 13.62 -28.17
N GLY A 196 -8.54 12.56 -28.85
CA GLY A 196 -9.65 11.75 -28.37
C GLY A 196 -9.52 11.21 -26.96
N GLU A 197 -8.38 10.60 -26.64
CA GLU A 197 -8.17 10.04 -25.33
C GLU A 197 -8.28 11.09 -24.21
N VAL A 198 -7.86 12.31 -24.50
CA VAL A 198 -7.94 13.36 -23.49
C VAL A 198 -9.39 13.81 -23.34
N LEU A 199 -10.05 14.04 -24.47
CA LEU A 199 -11.46 14.46 -24.47
C LEU A 199 -12.33 13.42 -23.77
N SER A 200 -11.99 12.14 -23.97
CA SER A 200 -12.73 11.05 -23.36
C SER A 200 -12.72 11.14 -21.83
N VAL A 201 -11.54 11.45 -21.27
CA VAL A 201 -11.41 11.57 -19.82
C VAL A 201 -12.22 12.76 -19.33
N MET A 202 -12.17 13.86 -20.10
CA MET A 202 -12.92 15.06 -19.73
C MET A 202 -14.41 14.74 -19.74
N LYS A 203 -14.84 13.99 -20.74
CA LYS A 203 -16.23 13.59 -20.86
C LYS A 203 -16.66 12.79 -19.63
N GLN A 204 -15.83 11.84 -19.22
CA GLN A 204 -16.16 11.03 -18.05
C GLN A 204 -16.24 11.90 -16.80
N LEU A 205 -15.35 12.87 -16.72
CA LEU A 205 -15.32 13.75 -15.57
C LEU A 205 -16.62 14.56 -15.57
N ALA A 206 -17.10 14.89 -16.76
CA ALA A 206 -18.33 15.66 -16.87
C ALA A 206 -19.50 14.80 -16.38
N ASN A 207 -19.48 13.52 -16.72
CA ASN A 207 -20.55 12.62 -16.31
C ASN A 207 -20.55 12.36 -14.81
N GLU A 208 -19.38 12.43 -14.19
CA GLU A 208 -19.29 12.21 -12.75
C GLU A 208 -19.81 13.41 -11.98
N GLY A 209 -20.21 14.46 -12.69
CA GLY A 209 -20.75 15.63 -12.04
C GLY A 209 -19.80 16.76 -11.67
N MET A 210 -18.54 16.67 -12.11
CA MET A 210 -17.56 17.69 -11.80
C MET A 210 -17.98 19.04 -12.38
N THR A 211 -17.80 20.11 -11.61
CA THR A 211 -18.11 21.45 -12.09
C THR A 211 -16.94 21.77 -12.99
N MET A 212 -17.21 22.08 -14.25
CA MET A 212 -16.14 22.36 -15.22
C MET A 212 -16.34 23.60 -16.08
N VAL A 213 -15.23 24.29 -16.36
CA VAL A 213 -15.21 25.44 -17.24
C VAL A 213 -14.12 25.05 -18.25
N VAL A 214 -14.52 24.90 -19.50
CA VAL A 214 -13.57 24.48 -20.55
C VAL A 214 -13.42 25.45 -21.71
N VAL A 215 -12.20 25.93 -21.91
CA VAL A 215 -11.91 26.80 -23.05
C VAL A 215 -11.36 25.83 -24.10
N THR A 216 -12.07 25.69 -25.21
CA THR A 216 -11.61 24.77 -26.25
C THR A 216 -12.11 25.15 -27.64
N HIS A 217 -11.53 24.51 -28.64
CA HIS A 217 -11.91 24.72 -30.03
C HIS A 217 -12.58 23.45 -30.57
N GLU A 218 -12.67 22.43 -29.73
CA GLU A 218 -13.32 21.18 -30.09
C GLU A 218 -14.82 21.33 -29.91
N MET A 219 -15.51 21.82 -30.93
CA MET A 219 -16.94 22.03 -30.83
C MET A 219 -17.71 20.73 -30.63
N GLY A 220 -17.16 19.62 -31.12
CA GLY A 220 -17.83 18.35 -30.93
C GLY A 220 -18.04 18.10 -29.45
N PHE A 221 -16.96 18.17 -28.69
CA PHE A 221 -16.99 17.98 -27.25
C PHE A 221 -18.00 18.94 -26.63
N ALA A 222 -17.96 20.19 -27.07
CA ALA A 222 -18.84 21.23 -26.54
C ALA A 222 -20.33 20.94 -26.67
N ARG A 223 -20.74 20.42 -27.83
CA ARG A 223 -22.15 20.13 -28.08
C ARG A 223 -22.67 18.90 -27.38
N GLU A 224 -21.82 17.89 -27.27
CA GLU A 224 -22.25 16.64 -26.67
C GLU A 224 -22.01 16.49 -25.18
N VAL A 225 -21.16 17.34 -24.61
CA VAL A 225 -20.86 17.25 -23.18
C VAL A 225 -21.16 18.55 -22.43
N GLY A 226 -21.18 19.67 -23.15
CA GLY A 226 -21.43 20.96 -22.53
C GLY A 226 -22.88 21.22 -22.17
N ASP A 227 -23.09 21.89 -21.04
CA ASP A 227 -24.43 22.21 -20.59
C ASP A 227 -24.80 23.61 -21.07
N ARG A 228 -23.79 24.46 -21.16
CA ARG A 228 -23.99 25.85 -21.53
C ARG A 228 -22.73 26.40 -22.19
N VAL A 229 -22.90 27.29 -23.16
CA VAL A 229 -21.78 27.88 -23.86
C VAL A 229 -21.68 29.39 -23.66
N LEU A 230 -20.45 29.87 -23.46
CA LEU A 230 -20.20 31.30 -23.28
C LEU A 230 -19.34 31.78 -24.45
N PHE A 231 -19.88 32.67 -25.26
CA PHE A 231 -19.15 33.20 -26.41
C PHE A 231 -18.49 34.53 -26.02
N MET A 232 -17.17 34.53 -25.98
CA MET A 232 -16.41 35.71 -25.63
C MET A 232 -15.81 36.43 -26.83
N ASP A 233 -15.97 37.75 -26.85
CA ASP A 233 -15.45 38.58 -27.93
C ASP A 233 -14.98 39.91 -27.34
N GLY A 234 -13.68 40.15 -27.44
CA GLY A 234 -13.10 41.39 -26.94
C GLY A 234 -13.43 41.78 -25.50
N GLY A 235 -13.13 40.90 -24.55
CA GLY A 235 -13.37 41.18 -23.14
C GLY A 235 -14.83 41.20 -22.73
N TYR A 236 -15.71 40.83 -23.65
CA TYR A 236 -17.14 40.80 -23.37
C TYR A 236 -17.73 39.42 -23.61
N ILE A 237 -18.82 39.12 -22.91
CA ILE A 237 -19.51 37.87 -23.10
C ILE A 237 -20.70 38.27 -23.95
N ILE A 238 -20.58 38.03 -25.26
CA ILE A 238 -21.63 38.41 -26.19
C ILE A 238 -22.88 37.55 -26.12
N GLU A 239 -22.71 36.23 -26.16
CA GLU A 239 -23.86 35.35 -26.13
C GLU A 239 -23.69 34.15 -25.19
N GLU A 240 -24.81 33.73 -24.63
CA GLU A 240 -24.88 32.59 -23.72
C GLU A 240 -26.02 31.72 -24.21
N GLY A 241 -25.97 30.43 -23.88
CA GLY A 241 -27.04 29.53 -24.28
C GLY A 241 -26.59 28.09 -24.36
N LYS A 242 -27.55 27.18 -24.53
CA LYS A 242 -27.24 25.77 -24.63
C LYS A 242 -26.41 25.61 -25.91
N PRO A 243 -25.52 24.61 -25.95
CA PRO A 243 -24.69 24.41 -27.14
C PRO A 243 -25.45 24.35 -28.46
N GLU A 244 -26.47 23.51 -28.54
CA GLU A 244 -27.25 23.39 -29.78
C GLU A 244 -27.91 24.71 -30.19
N ASP A 245 -28.42 25.46 -29.21
CA ASP A 245 -29.04 26.74 -29.53
C ASP A 245 -28.04 27.75 -30.06
N LEU A 246 -26.89 27.88 -29.39
CA LEU A 246 -25.89 28.85 -29.81
C LEU A 246 -25.18 28.50 -31.12
N PHE A 247 -24.87 27.22 -31.33
CA PHE A 247 -24.19 26.81 -32.55
C PHE A 247 -25.08 26.76 -33.79
N ASP A 248 -26.32 26.31 -33.62
CA ASP A 248 -27.24 26.20 -34.75
C ASP A 248 -28.07 27.45 -35.00
N ARG A 249 -28.47 28.13 -33.93
CA ARG A 249 -29.27 29.34 -34.09
C ARG A 249 -28.77 30.50 -33.23
N PRO A 250 -27.60 31.05 -33.59
CA PRO A 250 -26.99 32.17 -32.87
C PRO A 250 -27.88 33.41 -32.91
N GLN A 251 -28.41 33.77 -31.75
CA GLN A 251 -29.30 34.93 -31.63
C GLN A 251 -28.64 36.28 -31.93
N HIS A 252 -27.40 36.46 -31.51
CA HIS A 252 -26.71 37.72 -31.72
C HIS A 252 -25.89 37.84 -33.00
N GLU A 253 -25.49 39.08 -33.27
CA GLU A 253 -24.71 39.48 -34.45
C GLU A 253 -23.35 38.84 -34.60
N ARG A 254 -22.34 39.42 -33.95
CA ARG A 254 -20.98 38.89 -34.04
C ARG A 254 -20.82 37.44 -33.64
N THR A 255 -21.92 36.82 -33.18
CA THR A 255 -21.88 35.41 -32.82
C THR A 255 -21.93 34.65 -34.14
N LYS A 256 -22.91 35.01 -34.98
CA LYS A 256 -23.06 34.39 -36.29
C LYS A 256 -21.75 34.51 -37.04
N ALA A 257 -21.18 35.71 -37.03
CA ALA A 257 -19.91 35.98 -37.71
C ALA A 257 -18.79 35.04 -37.26
N PHE A 258 -18.60 34.90 -35.95
CA PHE A 258 -17.55 34.03 -35.43
C PHE A 258 -17.75 32.58 -35.88
N LEU A 259 -18.95 32.06 -35.62
CA LEU A 259 -19.32 30.70 -35.99
C LEU A 259 -19.19 30.46 -37.48
N SER A 260 -19.45 31.50 -38.27
CA SER A 260 -19.35 31.38 -39.72
C SER A 260 -17.93 31.14 -40.18
N LYS A 261 -16.95 31.81 -39.58
CA LYS A 261 -15.56 31.55 -39.97
C LYS A 261 -15.24 30.13 -39.50
N VAL A 262 -16.23 29.55 -38.83
CA VAL A 262 -16.20 28.20 -38.29
C VAL A 262 -14.83 27.49 -38.28
N PHE A 263 -14.62 26.54 -39.19
CA PHE A 263 -13.35 25.84 -39.27
C PHE A 263 -12.88 25.70 -40.72
N GLN B 23 34.60 1.10 -9.68
CA GLN B 23 35.46 2.23 -9.22
C GLN B 23 34.70 3.56 -9.22
N MET B 24 34.22 3.98 -10.40
CA MET B 24 33.48 5.23 -10.51
C MET B 24 32.02 4.98 -10.10
N ILE B 25 31.51 3.80 -10.45
CA ILE B 25 30.15 3.39 -10.11
C ILE B 25 30.17 1.92 -9.70
N ASP B 26 29.87 1.65 -8.43
CA ASP B 26 29.84 0.29 -7.92
C ASP B 26 28.47 -0.02 -7.36
N VAL B 27 27.82 -1.00 -7.96
CA VAL B 27 26.48 -1.41 -7.57
C VAL B 27 26.49 -2.89 -7.23
N HIS B 28 26.07 -3.21 -6.01
CA HIS B 28 26.07 -4.60 -5.56
C HIS B 28 24.74 -5.03 -4.93
N GLN B 29 24.22 -6.17 -5.40
CA GLN B 29 22.97 -6.74 -4.89
C GLN B 29 21.84 -5.71 -4.78
N LEU B 30 21.78 -4.78 -5.73
CA LEU B 30 20.76 -3.73 -5.72
C LEU B 30 19.36 -4.28 -5.97
N LYS B 31 18.42 -3.89 -5.10
CA LYS B 31 17.03 -4.31 -5.23
C LYS B 31 16.13 -3.15 -4.87
N LYS B 32 15.04 -3.00 -5.62
CA LYS B 32 14.11 -1.94 -5.34
C LYS B 32 12.68 -2.39 -5.59
N SER B 33 11.78 -1.99 -4.71
CA SER B 33 10.39 -2.36 -4.84
C SER B 33 9.49 -1.14 -4.67
N PHE B 34 8.40 -1.14 -5.41
CA PHE B 34 7.40 -0.09 -5.30
C PHE B 34 6.23 -0.86 -4.71
N GLY B 35 6.29 -1.05 -3.40
CA GLY B 35 5.25 -1.79 -2.72
C GLY B 35 5.54 -3.26 -2.90
N SER B 36 4.59 -3.99 -3.48
CA SER B 36 4.75 -5.42 -3.69
C SER B 36 5.47 -5.71 -5.00
N LEU B 37 5.54 -4.71 -5.88
CA LEU B 37 6.21 -4.90 -7.16
C LEU B 37 7.71 -4.61 -7.04
N GLU B 38 8.51 -5.65 -7.16
CA GLU B 38 9.95 -5.48 -7.08
C GLU B 38 10.41 -5.26 -8.52
N VAL B 39 10.78 -4.03 -8.85
CA VAL B 39 11.22 -3.69 -10.19
C VAL B 39 12.70 -4.00 -10.46
N LEU B 40 13.54 -3.89 -9.43
CA LEU B 40 14.95 -4.22 -9.57
C LEU B 40 15.16 -5.41 -8.66
N LYS B 41 15.54 -6.55 -9.24
CA LYS B 41 15.70 -7.79 -8.48
C LYS B 41 17.10 -8.28 -8.16
N GLY B 42 18.08 -7.37 -8.08
CA GLY B 42 19.43 -7.80 -7.77
C GLY B 42 20.38 -7.45 -8.91
N ILE B 43 20.79 -6.19 -8.93
CA ILE B 43 21.68 -5.72 -9.98
C ILE B 43 23.12 -5.59 -9.47
N ASN B 44 24.05 -6.13 -10.25
CA ASN B 44 25.47 -6.04 -9.92
C ASN B 44 26.21 -5.45 -11.11
N VAL B 45 26.91 -4.34 -10.87
CA VAL B 45 27.67 -3.73 -11.95
C VAL B 45 28.71 -2.77 -11.44
N HIS B 46 29.86 -2.77 -12.10
CA HIS B 46 30.97 -1.91 -11.73
C HIS B 46 31.50 -1.22 -12.98
N ILE B 47 31.54 0.11 -12.92
CA ILE B 47 31.96 0.92 -14.04
C ILE B 47 33.17 1.78 -13.74
N ARG B 48 34.23 1.58 -14.52
CA ARG B 48 35.46 2.34 -14.34
C ARG B 48 35.26 3.75 -14.87
N GLU B 49 36.23 4.62 -14.59
CA GLU B 49 36.18 5.99 -15.05
C GLU B 49 36.47 6.00 -16.55
N GLY B 50 35.74 6.81 -17.30
CA GLY B 50 35.94 6.90 -18.74
C GLY B 50 35.18 5.86 -19.52
N GLU B 51 34.61 4.90 -18.81
CA GLU B 51 33.85 3.85 -19.47
C GLU B 51 32.47 4.32 -19.95
N VAL B 52 32.07 3.83 -21.12
CA VAL B 52 30.77 4.15 -21.67
C VAL B 52 29.95 2.88 -21.67
N VAL B 53 28.99 2.78 -20.74
CA VAL B 53 28.16 1.60 -20.64
C VAL B 53 26.77 1.88 -21.22
N VAL B 54 26.29 0.96 -22.05
CA VAL B 54 24.99 1.11 -22.68
C VAL B 54 24.01 0.07 -22.15
N VAL B 55 22.87 0.53 -21.67
CA VAL B 55 21.84 -0.34 -21.11
C VAL B 55 20.66 -0.45 -22.06
N ILE B 56 20.38 -1.68 -22.51
CA ILE B 56 19.27 -1.91 -23.44
C ILE B 56 18.29 -2.94 -22.86
N GLY B 57 17.09 -2.98 -23.41
CA GLY B 57 16.10 -3.93 -22.93
C GLY B 57 14.66 -3.50 -23.20
N PRO B 58 13.70 -4.44 -23.10
CA PRO B 58 12.29 -4.15 -23.34
C PRO B 58 11.75 -3.11 -22.36
N SER B 59 10.63 -2.51 -22.71
CA SER B 59 10.03 -1.53 -21.83
C SER B 59 9.64 -2.24 -20.54
N GLY B 60 9.67 -1.51 -19.43
CA GLY B 60 9.32 -2.09 -18.15
C GLY B 60 10.33 -3.07 -17.56
N SER B 61 11.58 -2.97 -18.00
CA SER B 61 12.63 -3.86 -17.51
C SER B 61 13.33 -3.28 -16.28
N GLY B 62 13.06 -2.01 -15.99
CA GLY B 62 13.68 -1.36 -14.85
C GLY B 62 14.87 -0.51 -15.23
N LYS B 63 15.06 -0.23 -16.51
CA LYS B 63 16.17 0.60 -16.95
C LYS B 63 16.13 2.00 -16.34
N SER B 64 14.99 2.67 -16.48
CA SER B 64 14.84 4.03 -15.96
C SER B 64 14.99 4.12 -14.45
N THR B 65 14.47 3.13 -13.72
CA THR B 65 14.57 3.17 -12.28
C THR B 65 16.02 2.99 -11.86
N PHE B 66 16.72 2.08 -12.54
CA PHE B 66 18.12 1.83 -12.25
C PHE B 66 18.94 3.11 -12.37
N LEU B 67 18.78 3.83 -13.48
CA LEU B 67 19.52 5.06 -13.68
C LEU B 67 19.32 6.05 -12.53
N ARG B 68 18.07 6.19 -12.09
CA ARG B 68 17.74 7.12 -11.03
C ARG B 68 18.23 6.70 -9.64
N CYS B 69 18.59 5.43 -9.49
CA CYS B 69 19.14 4.96 -8.22
C CYS B 69 20.59 5.45 -8.12
N LEU B 70 21.24 5.60 -9.28
CA LEU B 70 22.62 6.05 -9.32
C LEU B 70 22.67 7.54 -9.04
N ASN B 71 21.54 8.19 -9.25
CA ASN B 71 21.38 9.63 -9.11
C ASN B 71 20.87 10.15 -7.77
N LEU B 72 20.36 9.25 -6.94
CA LEU B 72 19.76 9.59 -5.64
C LEU B 72 18.33 10.03 -5.90
N LEU B 73 17.92 10.04 -7.16
CA LEU B 73 16.55 10.42 -7.50
C LEU B 73 15.56 9.34 -7.03
N GLU B 74 16.05 8.10 -6.97
CA GLU B 74 15.24 6.99 -6.52
C GLU B 74 15.98 6.30 -5.38
N ASP B 75 15.29 6.05 -4.28
CA ASP B 75 15.93 5.36 -3.17
C ASP B 75 15.77 3.89 -3.49
N PHE B 76 16.54 3.04 -2.82
CA PHE B 76 16.46 1.60 -3.06
C PHE B 76 16.34 0.83 -1.76
N ASP B 77 15.73 -0.36 -1.84
CA ASP B 77 15.50 -1.17 -0.67
C ASP B 77 16.72 -1.89 -0.11
N GLU B 78 17.50 -2.54 -0.97
CA GLU B 78 18.70 -3.21 -0.50
C GLU B 78 19.82 -3.21 -1.51
N GLY B 79 20.99 -3.65 -1.07
CA GLY B 79 22.15 -3.66 -1.93
C GLY B 79 22.99 -2.46 -1.56
N GLU B 80 24.03 -2.18 -2.34
CA GLU B 80 24.89 -1.06 -2.03
C GLU B 80 25.32 -0.31 -3.29
N ILE B 81 25.35 1.01 -3.20
CA ILE B 81 25.75 1.84 -4.33
C ILE B 81 26.81 2.85 -3.89
N ILE B 82 27.94 2.83 -4.59
CA ILE B 82 29.03 3.75 -4.30
C ILE B 82 29.32 4.56 -5.57
N ILE B 83 29.20 5.88 -5.47
CA ILE B 83 29.45 6.75 -6.61
C ILE B 83 30.65 7.65 -6.34
N ASP B 84 31.75 7.36 -7.01
CA ASP B 84 32.97 8.13 -6.85
C ASP B 84 33.35 8.16 -5.37
N GLY B 85 33.47 6.97 -4.78
CA GLY B 85 33.83 6.87 -3.37
C GLY B 85 32.71 7.07 -2.38
N ILE B 86 31.65 7.78 -2.80
CA ILE B 86 30.53 8.05 -1.92
C ILE B 86 29.48 6.94 -1.87
N ASN B 87 29.36 6.28 -0.72
CA ASN B 87 28.36 5.24 -0.54
C ASN B 87 27.01 5.96 -0.34
N LEU B 88 26.11 5.82 -1.31
CA LEU B 88 24.82 6.49 -1.24
C LEU B 88 24.03 6.32 0.05
N LYS B 89 24.28 5.25 0.79
CA LYS B 89 23.56 5.02 2.03
C LYS B 89 24.39 5.28 3.29
N ALA B 90 25.59 5.83 3.11
CA ALA B 90 26.45 6.13 4.24
C ALA B 90 25.87 7.29 5.05
N LYS B 91 25.85 7.09 6.37
CA LYS B 91 25.34 8.06 7.34
C LYS B 91 25.19 9.50 6.83
N ASP B 92 26.02 10.39 7.33
CA ASP B 92 26.00 11.78 6.91
C ASP B 92 27.03 12.01 5.82
N THR B 93 27.21 10.98 4.99
CA THR B 93 28.16 11.05 3.89
C THR B 93 27.80 12.23 2.99
N ASN B 94 28.79 12.72 2.25
CA ASN B 94 28.60 13.86 1.35
C ASN B 94 27.70 13.47 0.19
N LEU B 95 26.38 13.51 0.42
CA LEU B 95 25.41 13.17 -0.61
C LEU B 95 25.21 14.33 -1.56
N ASN B 96 25.57 15.53 -1.10
CA ASN B 96 25.42 16.73 -1.91
C ASN B 96 26.42 16.75 -3.06
N LYS B 97 27.55 16.07 -2.87
CA LYS B 97 28.60 16.03 -3.88
C LYS B 97 28.22 15.16 -5.08
N VAL B 98 27.47 14.08 -4.82
CA VAL B 98 27.07 13.20 -5.92
C VAL B 98 26.12 13.98 -6.83
N ARG B 99 25.18 14.70 -6.22
CA ARG B 99 24.22 15.49 -6.96
C ARG B 99 24.94 16.44 -7.90
N GLU B 100 26.13 16.88 -7.49
CA GLU B 100 26.93 17.80 -8.26
C GLU B 100 27.80 17.11 -9.31
N GLU B 101 28.26 15.90 -8.99
CA GLU B 101 29.12 15.17 -9.89
C GLU B 101 28.40 14.32 -10.92
N VAL B 102 27.10 14.17 -10.76
CA VAL B 102 26.30 13.35 -11.68
C VAL B 102 25.21 14.14 -12.39
N GLY B 103 25.22 14.08 -13.72
CA GLY B 103 24.22 14.78 -14.51
C GLY B 103 23.31 13.80 -15.21
N MET B 104 22.08 14.21 -15.48
CA MET B 104 21.14 13.32 -16.17
C MET B 104 20.30 14.04 -17.21
N VAL B 105 20.11 13.37 -18.33
CA VAL B 105 19.35 13.87 -19.46
C VAL B 105 18.18 12.92 -19.67
N PHE B 106 16.97 13.45 -19.68
CA PHE B 106 15.78 12.64 -19.85
C PHE B 106 15.31 12.62 -21.31
N GLN B 107 14.32 11.77 -21.58
CA GLN B 107 13.77 11.62 -22.91
C GLN B 107 12.96 12.84 -23.32
N ARG B 108 12.31 13.46 -22.34
CA ARG B 108 11.47 14.65 -22.53
C ARG B 108 11.47 15.45 -21.23
N PHE B 109 10.87 16.64 -21.27
CA PHE B 109 10.76 17.49 -20.08
C PHE B 109 12.09 17.85 -19.41
N ASN B 110 13.11 18.17 -20.22
CA ASN B 110 14.42 18.54 -19.68
C ASN B 110 14.54 20.03 -19.39
N LEU B 111 13.74 20.84 -20.07
CA LEU B 111 13.83 22.29 -19.88
C LEU B 111 12.57 23.00 -19.35
N PHE B 112 12.79 24.14 -18.69
CA PHE B 112 11.70 24.98 -18.21
C PHE B 112 11.32 25.79 -19.46
N PRO B 113 10.17 25.47 -20.08
CA PRO B 113 9.71 26.16 -21.29
C PRO B 113 9.53 27.69 -21.21
N HIS B 114 9.30 28.20 -20.01
CA HIS B 114 9.08 29.63 -19.83
C HIS B 114 10.34 30.48 -19.65
N MET B 115 11.51 29.86 -19.70
CA MET B 115 12.74 30.65 -19.58
C MET B 115 13.72 30.35 -20.71
N THR B 116 14.55 31.32 -21.03
CA THR B 116 15.52 31.20 -22.11
C THR B 116 16.46 30.03 -21.94
N VAL B 117 17.10 29.66 -23.05
CA VAL B 117 18.07 28.58 -23.08
C VAL B 117 19.16 28.89 -22.06
N LEU B 118 19.62 30.12 -22.04
CA LEU B 118 20.69 30.53 -21.13
C LEU B 118 20.26 30.43 -19.67
N ASN B 119 19.09 30.97 -19.33
CA ASN B 119 18.62 30.90 -17.95
C ASN B 119 18.36 29.46 -17.50
N ASN B 120 18.09 28.58 -18.46
CA ASN B 120 17.85 27.17 -18.17
C ASN B 120 19.16 26.51 -17.76
N ILE B 121 20.23 26.86 -18.46
CA ILE B 121 21.56 26.29 -18.21
C ILE B 121 22.28 26.73 -16.92
N THR B 122 22.21 28.01 -16.60
CA THR B 122 22.90 28.56 -15.43
C THR B 122 22.14 28.36 -14.11
N LEU B 123 20.88 27.95 -14.19
CA LEU B 123 20.06 27.77 -13.02
C LEU B 123 20.71 26.93 -11.92
N ALA B 124 21.03 25.68 -12.26
CA ALA B 124 21.64 24.75 -11.31
C ALA B 124 23.02 25.15 -10.79
N PRO B 125 23.96 25.49 -11.69
CA PRO B 125 25.29 25.90 -11.24
C PRO B 125 25.23 27.08 -10.27
N MET B 126 24.38 28.05 -10.59
CA MET B 126 24.23 29.23 -9.74
C MET B 126 23.66 28.87 -8.37
N LYS B 127 22.62 28.03 -8.37
CA LYS B 127 21.99 27.63 -7.12
C LYS B 127 22.81 26.64 -6.29
N VAL B 128 23.16 25.52 -6.89
CA VAL B 128 23.92 24.47 -6.21
C VAL B 128 25.39 24.81 -5.94
N ARG B 129 26.10 25.34 -6.94
CA ARG B 129 27.50 25.67 -6.74
C ARG B 129 27.69 27.11 -6.26
N LYS B 130 26.61 27.88 -6.26
CA LYS B 130 26.64 29.28 -5.84
C LYS B 130 27.50 30.17 -6.73
N TRP B 131 27.51 29.90 -8.03
CA TRP B 131 28.30 30.71 -8.95
C TRP B 131 27.57 32.01 -9.24
N PRO B 132 28.31 33.12 -9.36
CA PRO B 132 27.65 34.41 -9.65
C PRO B 132 27.10 34.28 -11.07
N ARG B 133 26.15 35.13 -11.45
CA ARG B 133 25.58 35.04 -12.79
C ARG B 133 26.63 35.22 -13.90
N GLU B 134 27.45 36.26 -13.78
CA GLU B 134 28.48 36.53 -14.79
C GLU B 134 29.29 35.29 -15.15
N LYS B 135 29.85 34.63 -14.13
CA LYS B 135 30.66 33.43 -14.32
C LYS B 135 29.85 32.24 -14.87
N ALA B 136 28.60 32.10 -14.44
CA ALA B 136 27.78 30.98 -14.89
C ALA B 136 27.39 31.13 -16.37
N GLU B 137 26.94 32.32 -16.76
CA GLU B 137 26.53 32.55 -18.14
C GLU B 137 27.71 32.35 -19.10
N ALA B 138 28.89 32.86 -18.74
CA ALA B 138 30.08 32.72 -19.59
C ALA B 138 30.35 31.24 -19.85
N LYS B 139 30.22 30.42 -18.81
CA LYS B 139 30.41 28.98 -18.93
C LYS B 139 29.33 28.38 -19.84
N ALA B 140 28.10 28.86 -19.68
CA ALA B 140 26.99 28.36 -20.48
C ALA B 140 27.15 28.68 -21.97
N MET B 141 27.66 29.87 -22.29
CA MET B 141 27.86 30.23 -23.69
C MET B 141 28.85 29.25 -24.33
N GLU B 142 29.90 28.89 -23.60
CA GLU B 142 30.89 27.94 -24.12
C GLU B 142 30.26 26.57 -24.37
N LEU B 143 29.43 26.11 -23.44
CA LEU B 143 28.77 24.82 -23.60
C LEU B 143 27.81 24.87 -24.78
N LEU B 144 27.12 26.00 -24.96
CA LEU B 144 26.19 26.15 -26.07
C LEU B 144 26.94 26.09 -27.40
N ASP B 145 28.12 26.71 -27.43
CA ASP B 145 28.91 26.69 -28.64
C ASP B 145 29.35 25.24 -28.86
N LYS B 146 29.75 24.59 -27.78
CA LYS B 146 30.21 23.21 -27.83
C LYS B 146 29.18 22.24 -28.40
N VAL B 147 27.90 22.57 -28.29
CA VAL B 147 26.86 21.69 -28.84
C VAL B 147 26.29 22.30 -30.11
N GLY B 148 26.97 23.35 -30.60
CA GLY B 148 26.58 24.03 -31.81
C GLY B 148 25.34 24.91 -31.76
N LEU B 149 25.09 25.58 -30.65
CA LEU B 149 23.90 26.40 -30.54
C LEU B 149 24.13 27.73 -29.82
N LYS B 150 25.31 28.31 -30.01
CA LYS B 150 25.63 29.57 -29.35
C LYS B 150 24.64 30.68 -29.65
N ASP B 151 24.00 30.61 -30.81
CA ASP B 151 23.05 31.64 -31.21
C ASP B 151 21.65 31.44 -30.63
N LYS B 152 21.50 30.47 -29.72
CA LYS B 152 20.19 30.20 -29.14
C LYS B 152 20.07 30.63 -27.68
N ALA B 153 21.16 31.16 -27.13
CA ALA B 153 21.18 31.61 -25.74
C ALA B 153 19.90 32.30 -25.29
N HIS B 154 19.40 33.25 -26.07
CA HIS B 154 18.20 33.97 -25.69
C HIS B 154 16.94 33.45 -26.34
N ALA B 155 16.99 32.22 -26.83
CA ALA B 155 15.84 31.61 -27.48
C ALA B 155 15.05 30.83 -26.44
N TYR B 156 13.74 30.78 -26.60
CA TYR B 156 12.90 30.02 -25.67
C TYR B 156 12.77 28.61 -26.23
N PRO B 157 12.71 27.60 -25.34
CA PRO B 157 12.60 26.18 -25.73
C PRO B 157 11.65 25.85 -26.88
N ASP B 158 10.49 26.51 -26.90
CA ASP B 158 9.50 26.27 -27.95
C ASP B 158 9.92 26.74 -29.34
N SER B 159 11.05 27.42 -29.43
CA SER B 159 11.53 27.88 -30.72
C SER B 159 12.69 27.02 -31.20
N LEU B 160 12.89 25.89 -30.52
CA LEU B 160 13.97 24.97 -30.88
C LEU B 160 13.36 23.70 -31.44
N SER B 161 14.11 23.01 -32.30
CA SER B 161 13.65 21.75 -32.85
C SER B 161 13.85 20.75 -31.73
N GLY B 162 13.21 19.60 -31.81
CA GLY B 162 13.38 18.60 -30.77
C GLY B 162 14.84 18.23 -30.62
N GLY B 163 15.53 18.13 -31.77
CA GLY B 163 16.94 17.79 -31.75
C GLY B 163 17.77 18.87 -31.09
N GLN B 164 17.44 20.14 -31.37
CA GLN B 164 18.17 21.23 -30.77
C GLN B 164 17.85 21.27 -29.28
N ALA B 165 16.59 21.00 -28.93
CA ALA B 165 16.16 20.99 -27.54
C ALA B 165 16.92 19.96 -26.71
N GLN B 166 17.10 18.76 -27.25
CA GLN B 166 17.83 17.73 -26.53
C GLN B 166 19.31 18.09 -26.42
N ARG B 167 19.85 18.81 -27.39
CA ARG B 167 21.24 19.20 -27.28
C ARG B 167 21.36 20.21 -26.15
N VAL B 168 20.35 21.07 -26.03
CA VAL B 168 20.38 22.05 -24.94
C VAL B 168 20.26 21.33 -23.60
N ALA B 169 19.51 20.22 -23.58
CA ALA B 169 19.34 19.46 -22.35
C ALA B 169 20.69 18.91 -21.90
N ILE B 170 21.48 18.42 -22.85
CA ILE B 170 22.80 17.90 -22.52
C ILE B 170 23.69 19.03 -21.98
N ALA B 171 23.59 20.21 -22.59
CA ALA B 171 24.40 21.36 -22.14
C ALA B 171 24.01 21.71 -20.69
N ARG B 172 22.72 21.65 -20.40
CA ARG B 172 22.23 21.95 -19.06
C ARG B 172 22.87 21.02 -18.04
N ALA B 173 22.85 19.73 -18.34
CA ALA B 173 23.45 18.73 -17.46
C ALA B 173 24.95 18.96 -17.31
N LEU B 174 25.62 19.28 -18.41
CA LEU B 174 27.06 19.54 -18.39
C LEU B 174 27.42 20.81 -17.63
N ALA B 175 26.47 21.73 -17.50
CA ALA B 175 26.71 23.00 -16.81
C ALA B 175 27.23 22.80 -15.38
N MET B 176 26.82 21.69 -14.76
CA MET B 176 27.25 21.39 -13.40
C MET B 176 28.66 20.84 -13.38
N GLU B 177 29.20 20.60 -14.57
CA GLU B 177 30.55 20.04 -14.72
C GLU B 177 30.67 18.71 -13.98
N PRO B 178 29.84 17.73 -14.36
CA PRO B 178 29.83 16.40 -13.74
C PRO B 178 30.94 15.46 -14.20
N LYS B 179 31.20 14.43 -13.42
CA LYS B 179 32.20 13.41 -13.75
C LYS B 179 31.45 12.27 -14.44
N ILE B 180 30.15 12.20 -14.18
CA ILE B 180 29.29 11.17 -14.74
C ILE B 180 28.06 11.78 -15.41
N MET B 181 27.64 11.18 -16.52
CA MET B 181 26.48 11.64 -17.27
C MET B 181 25.59 10.43 -17.54
N LEU B 182 24.33 10.54 -17.13
CA LEU B 182 23.35 9.47 -17.33
C LEU B 182 22.33 9.92 -18.35
N PHE B 183 22.02 9.05 -19.31
CA PHE B 183 21.04 9.39 -20.35
C PHE B 183 19.93 8.36 -20.41
N ASP B 184 18.68 8.83 -20.33
CA ASP B 184 17.56 7.91 -20.41
C ASP B 184 16.82 8.13 -21.73
N GLU B 185 17.19 7.36 -22.73
CA GLU B 185 16.57 7.44 -24.06
C GLU B 185 16.45 8.88 -24.58
N PRO B 186 17.60 9.60 -24.65
CA PRO B 186 17.61 10.99 -25.12
C PRO B 186 17.07 11.22 -26.54
N THR B 187 17.07 10.19 -27.38
CA THR B 187 16.55 10.37 -28.74
C THR B 187 15.27 9.60 -29.07
N SER B 188 14.70 8.88 -28.09
CA SER B 188 13.49 8.10 -28.33
C SER B 188 12.22 8.88 -28.67
N ALA B 189 12.16 10.15 -28.30
CA ALA B 189 10.98 10.93 -28.63
C ALA B 189 11.26 11.84 -29.82
N LEU B 190 12.37 11.61 -30.51
CA LEU B 190 12.73 12.45 -31.65
C LEU B 190 12.43 11.84 -33.02
N ASP B 191 12.11 12.72 -33.97
CA ASP B 191 11.87 12.27 -35.34
C ASP B 191 13.20 11.63 -35.77
N PRO B 192 13.15 10.61 -36.64
CA PRO B 192 14.37 9.95 -37.11
C PRO B 192 15.48 10.90 -37.52
N GLU B 193 15.14 11.98 -38.21
CA GLU B 193 16.15 12.92 -38.67
C GLU B 193 16.65 13.93 -37.65
N MET B 194 16.19 13.79 -36.40
CA MET B 194 16.62 14.70 -35.34
C MET B 194 17.57 13.94 -34.44
N VAL B 195 17.62 12.62 -34.61
CA VAL B 195 18.44 11.72 -33.83
C VAL B 195 19.97 11.90 -33.91
N GLY B 196 20.49 11.95 -35.14
CA GLY B 196 21.92 12.08 -35.36
C GLY B 196 22.63 13.22 -34.67
N GLU B 197 22.08 14.42 -34.74
CA GLU B 197 22.72 15.57 -34.12
C GLU B 197 22.85 15.38 -32.61
N VAL B 198 21.92 14.64 -32.01
CA VAL B 198 21.99 14.40 -30.57
C VAL B 198 23.05 13.33 -30.28
N LEU B 199 22.98 12.21 -30.98
CA LEU B 199 23.95 11.14 -30.80
C LEU B 199 25.38 11.64 -31.00
N SER B 200 25.53 12.60 -31.92
CA SER B 200 26.85 13.16 -32.21
C SER B 200 27.43 13.85 -30.97
N VAL B 201 26.63 14.67 -30.30
CA VAL B 201 27.07 15.35 -29.09
C VAL B 201 27.44 14.29 -28.05
N MET B 202 26.67 13.21 -28.01
CA MET B 202 26.94 12.13 -27.06
C MET B 202 28.24 11.41 -27.40
N LYS B 203 28.49 11.23 -28.69
CA LYS B 203 29.72 10.56 -29.11
C LYS B 203 30.91 11.44 -28.73
N GLN B 204 30.74 12.75 -28.86
CA GLN B 204 31.79 13.71 -28.53
C GLN B 204 32.15 13.65 -27.03
N LEU B 205 31.13 13.51 -26.18
CA LEU B 205 31.38 13.41 -24.75
C LEU B 205 32.18 12.15 -24.48
N ALA B 206 31.78 11.07 -25.15
CA ALA B 206 32.45 9.79 -24.99
C ALA B 206 33.92 9.91 -25.40
N ASN B 207 34.16 10.47 -26.58
CA ASN B 207 35.54 10.62 -27.05
C ASN B 207 36.38 11.48 -26.11
N GLU B 208 35.71 12.29 -25.28
CA GLU B 208 36.41 13.15 -24.33
C GLU B 208 36.66 12.47 -22.99
N GLY B 209 36.26 11.21 -22.86
CA GLY B 209 36.50 10.50 -21.62
C GLY B 209 35.43 10.58 -20.54
N MET B 210 34.27 11.14 -20.87
CA MET B 210 33.21 11.24 -19.89
C MET B 210 32.71 9.83 -19.52
N THR B 211 32.49 9.59 -18.23
CA THR B 211 31.99 8.30 -17.80
C THR B 211 30.50 8.38 -18.10
N MET B 212 29.98 7.44 -18.89
CA MET B 212 28.58 7.51 -19.27
C MET B 212 27.78 6.21 -19.17
N VAL B 213 26.50 6.34 -18.78
CA VAL B 213 25.58 5.21 -18.72
C VAL B 213 24.44 5.65 -19.64
N VAL B 214 24.29 4.96 -20.76
CA VAL B 214 23.28 5.34 -21.74
C VAL B 214 22.18 4.29 -21.98
N VAL B 215 20.94 4.64 -21.65
CA VAL B 215 19.83 3.73 -21.92
C VAL B 215 19.38 4.18 -23.29
N THR B 216 19.28 3.25 -24.24
CA THR B 216 18.87 3.65 -25.58
C THR B 216 18.39 2.46 -26.40
N HIS B 217 17.78 2.76 -27.54
CA HIS B 217 17.34 1.73 -28.46
C HIS B 217 18.12 1.93 -29.77
N GLU B 218 19.09 2.83 -29.73
CA GLU B 218 19.93 3.10 -30.91
C GLU B 218 21.16 2.22 -30.81
N MET B 219 21.05 0.99 -31.32
CA MET B 219 22.15 0.04 -31.25
C MET B 219 23.41 0.46 -32.00
N GLY B 220 23.25 1.28 -33.03
CA GLY B 220 24.40 1.74 -33.79
C GLY B 220 25.30 2.56 -32.88
N PHE B 221 24.69 3.46 -32.13
CA PHE B 221 25.43 4.31 -31.19
C PHE B 221 26.15 3.37 -30.22
N ALA B 222 25.40 2.41 -29.69
CA ALA B 222 25.94 1.45 -28.73
C ALA B 222 27.19 0.78 -29.26
N ARG B 223 27.09 0.24 -30.47
CA ARG B 223 28.22 -0.44 -31.09
C ARG B 223 29.41 0.48 -31.32
N GLU B 224 29.11 1.68 -31.80
CA GLU B 224 30.13 2.66 -32.12
C GLU B 224 30.80 3.33 -30.94
N VAL B 225 30.05 3.62 -29.89
CA VAL B 225 30.60 4.32 -28.74
C VAL B 225 30.69 3.54 -27.42
N GLY B 226 29.92 2.48 -27.29
CA GLY B 226 29.94 1.73 -26.05
C GLY B 226 31.12 0.80 -25.79
N ASP B 227 31.51 0.70 -24.53
CA ASP B 227 32.59 -0.19 -24.13
C ASP B 227 31.91 -1.48 -23.69
N ARG B 228 30.73 -1.34 -23.09
CA ARG B 228 29.96 -2.49 -22.63
C ARG B 228 28.48 -2.31 -22.88
N VAL B 229 27.78 -3.42 -22.98
CA VAL B 229 26.35 -3.41 -23.18
C VAL B 229 25.72 -4.30 -22.11
N LEU B 230 24.74 -3.76 -21.40
CA LEU B 230 24.04 -4.50 -20.37
C LEU B 230 22.61 -4.69 -20.85
N PHE B 231 22.21 -5.95 -21.04
CA PHE B 231 20.85 -6.26 -21.47
C PHE B 231 19.99 -6.54 -20.24
N MET B 232 19.02 -5.68 -19.95
CA MET B 232 18.16 -5.90 -18.79
C MET B 232 16.82 -6.46 -19.18
N ASP B 233 16.27 -7.30 -18.31
CA ASP B 233 14.96 -7.90 -18.53
C ASP B 233 14.42 -8.43 -17.20
N GLY B 234 13.16 -8.13 -16.90
CA GLY B 234 12.55 -8.60 -15.68
C GLY B 234 13.23 -8.17 -14.38
N GLY B 235 13.83 -6.99 -14.39
CA GLY B 235 14.49 -6.47 -13.20
C GLY B 235 15.89 -7.03 -12.97
N TYR B 236 16.45 -7.67 -13.99
CA TYR B 236 17.78 -8.26 -13.90
C TYR B 236 18.64 -7.87 -15.09
N ILE B 237 19.96 -8.04 -14.94
CA ILE B 237 20.85 -7.82 -16.07
C ILE B 237 21.01 -9.27 -16.51
N ILE B 238 20.36 -9.62 -17.61
CA ILE B 238 20.38 -10.98 -18.14
C ILE B 238 21.63 -11.35 -18.88
N GLU B 239 22.17 -10.42 -19.66
CA GLU B 239 23.36 -10.69 -20.44
C GLU B 239 24.25 -9.46 -20.48
N GLU B 240 25.55 -9.69 -20.58
CA GLU B 240 26.49 -8.59 -20.55
C GLU B 240 27.71 -8.85 -21.43
N GLY B 241 28.34 -7.79 -21.92
CA GLY B 241 29.52 -7.93 -22.76
C GLY B 241 29.81 -6.74 -23.66
N LYS B 242 30.90 -6.83 -24.42
CA LYS B 242 31.25 -5.76 -25.33
C LYS B 242 30.20 -5.70 -26.43
N PRO B 243 29.98 -4.52 -27.02
CA PRO B 243 28.98 -4.37 -28.08
C PRO B 243 29.10 -5.46 -29.14
N GLU B 244 30.29 -5.61 -29.71
CA GLU B 244 30.54 -6.60 -30.75
C GLU B 244 30.09 -8.01 -30.34
N ASP B 245 30.50 -8.45 -29.16
CA ASP B 245 30.14 -9.78 -28.68
C ASP B 245 28.64 -9.97 -28.44
N LEU B 246 28.02 -8.99 -27.77
CA LEU B 246 26.60 -9.08 -27.47
C LEU B 246 25.71 -9.01 -28.71
N PHE B 247 25.99 -8.09 -29.63
CA PHE B 247 25.19 -7.96 -30.83
C PHE B 247 25.45 -9.02 -31.90
N ASP B 248 26.69 -9.47 -32.01
CA ASP B 248 27.04 -10.49 -33.01
C ASP B 248 26.90 -11.92 -32.50
N ARG B 249 27.17 -12.11 -31.21
CA ARG B 249 27.08 -13.45 -30.63
C ARG B 249 26.20 -13.48 -29.36
N PRO B 250 24.94 -13.01 -29.46
CA PRO B 250 24.00 -13.00 -28.33
C PRO B 250 23.73 -14.39 -27.77
N GLN B 251 23.90 -14.54 -26.46
CA GLN B 251 23.72 -15.84 -25.79
C GLN B 251 22.30 -16.26 -25.42
N HIS B 252 21.60 -15.41 -24.68
CA HIS B 252 20.24 -15.71 -24.24
C HIS B 252 19.19 -15.52 -25.33
N GLU B 253 18.12 -16.31 -25.24
CA GLU B 253 17.05 -16.26 -26.23
C GLU B 253 16.33 -14.90 -26.24
N ARG B 254 16.06 -14.37 -25.06
CA ARG B 254 15.38 -13.08 -24.97
C ARG B 254 16.24 -12.00 -25.63
N THR B 255 17.56 -12.12 -25.48
CA THR B 255 18.47 -11.15 -26.09
C THR B 255 18.41 -11.26 -27.61
N LYS B 256 18.31 -12.48 -28.12
CA LYS B 256 18.24 -12.69 -29.56
C LYS B 256 16.94 -12.11 -30.12
N ALA B 257 15.83 -12.40 -29.46
CA ALA B 257 14.54 -11.88 -29.90
C ALA B 257 14.56 -10.36 -29.88
N PHE B 258 15.07 -9.79 -28.80
CA PHE B 258 15.15 -8.34 -28.66
C PHE B 258 15.91 -7.71 -29.80
N LEU B 259 16.99 -8.38 -30.21
CA LEU B 259 17.83 -7.90 -31.29
C LEU B 259 17.29 -8.33 -32.66
N SER B 260 16.25 -9.17 -32.69
CA SER B 260 15.68 -9.61 -33.96
C SER B 260 15.08 -8.44 -34.72
N LYS B 261 15.12 -8.53 -36.05
CA LYS B 261 14.59 -7.49 -36.91
C LYS B 261 13.11 -7.72 -37.25
N VAL B 262 12.34 -6.64 -37.16
CA VAL B 262 10.92 -6.67 -37.48
C VAL B 262 10.71 -5.78 -38.70
N PHE B 263 9.78 -6.16 -39.58
CA PHE B 263 9.48 -5.39 -40.79
C PHE B 263 8.27 -4.48 -40.62
N LEU C 22 30.65 -22.60 17.98
CA LEU C 22 29.77 -22.09 19.07
C LEU C 22 28.36 -22.66 18.99
N GLN C 23 28.02 -23.52 19.93
CA GLN C 23 26.71 -24.14 19.99
C GLN C 23 25.62 -23.08 19.96
N MET C 24 24.48 -23.42 19.37
CA MET C 24 23.36 -22.50 19.28
C MET C 24 22.64 -22.50 20.65
N ILE C 25 22.48 -23.71 21.22
CA ILE C 25 21.86 -23.86 22.54
C ILE C 25 22.80 -24.67 23.42
N ASP C 26 23.20 -24.08 24.54
CA ASP C 26 24.12 -24.75 25.45
C ASP C 26 23.49 -24.79 26.85
N VAL C 27 23.15 -25.99 27.30
CA VAL C 27 22.53 -26.15 28.61
C VAL C 27 23.32 -27.10 29.50
N HIS C 28 23.81 -26.58 30.62
CA HIS C 28 24.59 -27.37 31.55
C HIS C 28 23.90 -27.51 32.91
N GLN C 29 23.76 -28.76 33.36
CA GLN C 29 23.14 -29.08 34.64
C GLN C 29 22.01 -28.12 35.01
N LEU C 30 21.02 -28.03 34.14
CA LEU C 30 19.88 -27.15 34.35
C LEU C 30 18.96 -27.76 35.41
N LYS C 31 18.55 -26.93 36.36
CA LYS C 31 17.66 -27.35 37.44
C LYS C 31 16.70 -26.21 37.74
N LYS C 32 15.46 -26.56 38.08
CA LYS C 32 14.44 -25.57 38.40
C LYS C 32 13.45 -26.18 39.40
N SER C 33 12.91 -25.35 40.27
CA SER C 33 11.97 -25.84 41.27
C SER C 33 10.86 -24.85 41.63
N PHE C 34 9.61 -25.30 41.50
CA PHE C 34 8.46 -24.49 41.87
C PHE C 34 8.26 -24.90 43.32
N GLY C 35 8.71 -24.07 44.24
CA GLY C 35 8.57 -24.44 45.63
C GLY C 35 9.47 -25.64 45.84
N SER C 36 9.14 -26.46 46.83
CA SER C 36 9.93 -27.65 47.14
C SER C 36 9.90 -28.71 46.03
N LEU C 37 9.03 -28.50 45.05
CA LEU C 37 8.90 -29.44 43.94
C LEU C 37 9.95 -29.15 42.87
N GLU C 38 10.78 -30.14 42.57
CA GLU C 38 11.82 -29.96 41.56
C GLU C 38 11.27 -30.42 40.21
N VAL C 39 11.20 -29.49 39.27
CA VAL C 39 10.68 -29.78 37.94
C VAL C 39 11.75 -30.23 36.95
N LEU C 40 12.91 -29.57 36.98
CA LEU C 40 14.01 -29.94 36.10
C LEU C 40 15.16 -30.39 36.99
N LYS C 41 15.59 -31.63 36.82
CA LYS C 41 16.64 -32.19 37.67
C LYS C 41 17.98 -32.46 37.01
N GLY C 42 18.60 -31.41 36.47
CA GLY C 42 19.89 -31.56 35.83
C GLY C 42 19.82 -31.99 34.39
N ILE C 43 19.49 -31.04 33.52
CA ILE C 43 19.37 -31.30 32.10
C ILE C 43 20.64 -30.83 31.39
N ASN C 44 21.21 -31.69 30.55
CA ASN C 44 22.40 -31.31 29.80
C ASN C 44 22.10 -31.46 28.32
N VAL C 45 22.15 -30.34 27.60
CA VAL C 45 21.86 -30.34 26.18
C VAL C 45 22.74 -29.38 25.40
N HIS C 46 23.20 -29.83 24.24
CA HIS C 46 24.03 -29.00 23.38
C HIS C 46 23.54 -29.20 21.96
N ILE C 47 23.02 -28.14 21.37
CA ILE C 47 22.47 -28.17 20.02
C ILE C 47 23.25 -27.24 19.08
N ARG C 48 23.78 -27.81 17.99
CA ARG C 48 24.53 -27.01 17.02
C ARG C 48 23.54 -26.32 16.09
N GLU C 49 24.04 -25.35 15.33
CA GLU C 49 23.19 -24.61 14.40
C GLU C 49 22.63 -25.54 13.33
N GLY C 50 21.38 -25.32 12.95
CA GLY C 50 20.74 -26.12 11.93
C GLY C 50 20.25 -27.48 12.38
N GLU C 51 20.52 -27.81 13.64
CA GLU C 51 20.10 -29.11 14.16
C GLU C 51 18.64 -29.08 14.60
N VAL C 52 17.93 -30.18 14.36
CA VAL C 52 16.53 -30.30 14.76
C VAL C 52 16.48 -31.33 15.88
N VAL C 53 16.07 -30.89 17.06
CA VAL C 53 16.00 -31.79 18.21
C VAL C 53 14.55 -31.97 18.63
N VAL C 54 14.13 -33.22 18.73
CA VAL C 54 12.77 -33.55 19.13
C VAL C 54 12.80 -34.04 20.57
N VAL C 55 11.87 -33.55 21.39
CA VAL C 55 11.81 -33.97 22.79
C VAL C 55 10.48 -34.68 23.06
N ILE C 56 10.56 -35.99 23.30
CA ILE C 56 9.37 -36.78 23.56
C ILE C 56 9.29 -37.16 25.05
N GLY C 57 8.18 -37.76 25.44
CA GLY C 57 8.00 -38.14 26.82
C GLY C 57 6.60 -37.77 27.27
N PRO C 58 6.10 -38.39 28.35
CA PRO C 58 4.77 -38.16 28.91
C PRO C 58 4.61 -36.80 29.58
N SER C 59 3.36 -36.35 29.69
CA SER C 59 3.05 -35.07 30.31
C SER C 59 3.61 -35.01 31.73
N GLY C 60 3.76 -33.79 32.24
CA GLY C 60 4.29 -33.61 33.59
C GLY C 60 5.76 -33.98 33.74
N SER C 61 6.42 -34.33 32.64
CA SER C 61 7.83 -34.71 32.69
C SER C 61 8.77 -33.51 32.66
N GLY C 62 8.21 -32.31 32.49
CA GLY C 62 9.02 -31.10 32.46
C GLY C 62 9.34 -30.53 31.08
N LYS C 63 8.82 -31.15 30.03
CA LYS C 63 9.09 -30.70 28.66
C LYS C 63 8.83 -29.20 28.44
N SER C 64 7.58 -28.79 28.56
CA SER C 64 7.22 -27.39 28.38
C SER C 64 8.04 -26.46 29.26
N THR C 65 8.30 -26.89 30.49
CA THR C 65 9.08 -26.07 31.40
C THR C 65 10.48 -25.86 30.84
N PHE C 66 11.05 -26.91 30.26
CA PHE C 66 12.39 -26.82 29.66
C PHE C 66 12.38 -25.79 28.55
N LEU C 67 11.43 -25.92 27.62
CA LEU C 67 11.31 -24.97 26.51
C LEU C 67 11.02 -23.55 26.97
N ARG C 68 10.30 -23.39 28.08
CA ARG C 68 10.01 -22.05 28.59
C ARG C 68 11.27 -21.40 29.15
N CYS C 69 12.21 -22.21 29.63
CA CYS C 69 13.48 -21.67 30.13
C CYS C 69 14.34 -21.18 28.94
N LEU C 70 14.35 -21.96 27.86
CA LEU C 70 15.12 -21.58 26.68
C LEU C 70 14.62 -20.27 26.08
N ASN C 71 13.31 -20.04 26.21
CA ASN C 71 12.67 -18.86 25.65
C ASN C 71 12.57 -17.69 26.62
N LEU C 72 13.24 -17.79 27.77
CA LEU C 72 13.24 -16.74 28.79
C LEU C 72 11.86 -16.45 29.40
N LEU C 73 10.93 -17.38 29.28
CA LEU C 73 9.59 -17.22 29.84
C LEU C 73 9.60 -17.65 31.32
N GLU C 74 10.43 -18.64 31.62
CA GLU C 74 10.57 -19.16 32.98
C GLU C 74 12.01 -19.08 33.43
N ASP C 75 12.23 -18.70 34.68
CA ASP C 75 13.58 -18.62 35.21
C ASP C 75 13.95 -20.00 35.72
N PHE C 76 15.20 -20.18 36.12
CA PHE C 76 15.63 -21.48 36.64
C PHE C 76 16.53 -21.30 37.85
N ASP C 77 16.78 -22.39 38.57
CA ASP C 77 17.58 -22.35 39.79
C ASP C 77 19.08 -22.66 39.71
N GLU C 78 19.46 -23.68 38.95
CA GLU C 78 20.87 -24.01 38.84
C GLU C 78 21.30 -24.31 37.42
N GLY C 79 22.61 -24.47 37.24
CA GLY C 79 23.16 -24.75 35.92
C GLY C 79 23.22 -23.49 35.08
N GLU C 80 23.44 -23.64 33.79
CA GLU C 80 23.50 -22.49 32.91
C GLU C 80 22.87 -22.73 31.55
N ILE C 81 22.44 -21.65 30.94
CA ILE C 81 21.86 -21.68 29.62
C ILE C 81 22.53 -20.58 28.83
N ILE C 82 23.12 -20.97 27.71
CA ILE C 82 23.80 -20.02 26.84
C ILE C 82 23.18 -20.12 25.44
N ILE C 83 22.59 -19.03 24.97
CA ILE C 83 21.98 -19.01 23.65
C ILE C 83 22.92 -18.31 22.69
N ASP C 84 23.52 -19.09 21.80
CA ASP C 84 24.43 -18.54 20.79
C ASP C 84 25.53 -17.70 21.44
N GLY C 85 26.11 -18.23 22.52
CA GLY C 85 27.18 -17.53 23.22
C GLY C 85 26.76 -16.52 24.25
N ILE C 86 25.45 -16.28 24.38
CA ILE C 86 24.95 -15.31 25.36
C ILE C 86 24.40 -16.03 26.58
N ASN C 87 25.02 -15.80 27.73
CA ASN C 87 24.59 -16.42 28.97
C ASN C 87 23.35 -15.70 29.52
N LEU C 88 22.25 -16.44 29.68
CA LEU C 88 21.00 -15.85 30.16
C LEU C 88 21.03 -15.20 31.54
N LYS C 89 22.07 -15.51 32.31
CA LYS C 89 22.20 -14.93 33.64
C LYS C 89 23.37 -13.94 33.71
N ALA C 90 24.08 -13.79 32.60
CA ALA C 90 25.21 -12.87 32.55
C ALA C 90 24.70 -11.46 32.80
N LYS C 91 25.23 -10.86 33.88
CA LYS C 91 24.89 -9.50 34.31
C LYS C 91 24.51 -8.51 33.23
N ASP C 92 25.33 -8.42 32.19
CA ASP C 92 25.10 -7.47 31.09
C ASP C 92 24.27 -7.99 29.92
N THR C 93 23.59 -9.12 30.11
CA THR C 93 22.79 -9.69 29.04
C THR C 93 21.48 -8.95 28.78
N ASN C 94 21.27 -8.55 27.53
CA ASN C 94 20.03 -7.88 27.16
C ASN C 94 19.05 -9.02 26.90
N LEU C 95 18.13 -9.23 27.83
CA LEU C 95 17.15 -10.30 27.70
C LEU C 95 16.20 -10.09 26.53
N ASN C 96 15.90 -8.84 26.23
CA ASN C 96 15.00 -8.52 25.12
C ASN C 96 15.63 -8.87 23.78
N LYS C 97 16.94 -8.75 23.69
CA LYS C 97 17.66 -9.08 22.46
C LYS C 97 17.59 -10.59 22.24
N VAL C 98 17.72 -11.34 23.33
CA VAL C 98 17.68 -12.80 23.25
C VAL C 98 16.29 -13.28 22.85
N ARG C 99 15.26 -12.70 23.47
CA ARG C 99 13.89 -13.08 23.17
C ARG C 99 13.59 -12.83 21.69
N GLU C 100 14.08 -11.72 21.18
CA GLU C 100 13.85 -11.36 19.78
C GLU C 100 14.42 -12.38 18.81
N GLU C 101 15.43 -13.10 19.23
CA GLU C 101 16.07 -14.07 18.36
C GLU C 101 15.54 -15.50 18.53
N VAL C 102 14.64 -15.68 19.49
CA VAL C 102 14.06 -17.00 19.74
C VAL C 102 12.56 -17.00 19.47
N GLY C 103 12.15 -17.81 18.50
CA GLY C 103 10.73 -17.88 18.18
C GLY C 103 10.10 -19.08 18.85
N MET C 104 8.81 -18.99 19.17
CA MET C 104 8.10 -20.10 19.81
C MET C 104 6.68 -20.29 19.29
N VAL C 105 6.29 -21.55 19.17
CA VAL C 105 4.95 -21.92 18.71
C VAL C 105 4.35 -22.71 19.87
N PHE C 106 3.10 -22.41 20.22
CA PHE C 106 2.44 -23.06 21.35
C PHE C 106 1.31 -24.00 20.96
N GLN C 107 1.08 -24.99 21.81
CA GLN C 107 0.02 -25.96 21.58
C GLN C 107 -1.30 -25.19 21.48
N ARG C 108 -1.46 -24.21 22.36
CA ARG C 108 -2.67 -23.39 22.37
C ARG C 108 -2.44 -22.07 21.65
N PHE C 109 -2.40 -22.15 20.32
CA PHE C 109 -2.17 -20.98 19.47
C PHE C 109 -3.26 -19.92 19.67
N ASN C 110 -2.87 -18.65 19.51
CA ASN C 110 -3.78 -17.55 19.69
C ASN C 110 -3.48 -16.42 18.71
N LEU C 111 -4.53 -15.84 18.14
CA LEU C 111 -4.39 -14.76 17.16
C LEU C 111 -5.40 -13.67 17.50
N PHE C 112 -5.20 -12.46 16.97
CA PHE C 112 -6.13 -11.37 17.22
C PHE C 112 -7.18 -11.27 16.10
N PRO C 113 -8.45 -11.59 16.41
CA PRO C 113 -9.50 -11.49 15.38
C PRO C 113 -9.82 -10.04 15.01
N HIS C 114 -9.31 -9.09 15.78
CA HIS C 114 -9.56 -7.66 15.56
C HIS C 114 -8.83 -7.11 14.35
N MET C 115 -7.73 -7.75 13.96
CA MET C 115 -6.96 -7.30 12.80
C MET C 115 -6.69 -8.43 11.81
N THR C 116 -6.36 -8.07 10.58
CA THR C 116 -6.10 -9.06 9.55
C THR C 116 -4.96 -10.01 9.87
N VAL C 117 -4.96 -11.13 9.16
CA VAL C 117 -3.94 -12.13 9.30
C VAL C 117 -2.59 -11.47 9.07
N LEU C 118 -2.51 -10.60 8.05
CA LEU C 118 -1.24 -9.92 7.73
C LEU C 118 -0.77 -9.04 8.89
N ASN C 119 -1.68 -8.22 9.41
CA ASN C 119 -1.33 -7.35 10.52
C ASN C 119 -0.93 -8.15 11.76
N ASN C 120 -1.50 -9.33 11.92
CA ASN C 120 -1.14 -10.17 13.06
C ASN C 120 0.33 -10.52 12.93
N ILE C 121 0.76 -10.77 11.70
CA ILE C 121 2.14 -11.16 11.43
C ILE C 121 3.15 -10.03 11.53
N THR C 122 2.84 -8.88 10.94
CA THR C 122 3.76 -7.73 10.94
C THR C 122 3.86 -6.95 12.25
N LEU C 123 2.90 -7.17 13.15
CA LEU C 123 2.86 -6.45 14.42
C LEU C 123 4.22 -6.32 15.11
N ALA C 124 4.81 -7.43 15.55
CA ALA C 124 6.09 -7.40 16.24
C ALA C 124 7.25 -6.85 15.41
N PRO C 125 7.35 -7.27 14.12
CA PRO C 125 8.43 -6.78 13.27
C PRO C 125 8.46 -5.26 13.19
N MET C 126 7.29 -4.64 13.07
CA MET C 126 7.23 -3.20 12.98
C MET C 126 7.50 -2.52 14.31
N LYS C 127 6.79 -2.92 15.35
CA LYS C 127 6.98 -2.32 16.67
C LYS C 127 8.38 -2.51 17.24
N VAL C 128 8.86 -3.75 17.25
CA VAL C 128 10.17 -4.05 17.82
C VAL C 128 11.38 -3.79 16.92
N ARG C 129 11.40 -4.36 15.73
CA ARG C 129 12.53 -4.17 14.83
C ARG C 129 12.42 -2.89 14.00
N LYS C 130 11.36 -2.13 14.25
CA LYS C 130 11.11 -0.86 13.57
C LYS C 130 11.12 -0.89 12.04
N TRP C 131 10.57 -1.95 11.44
CA TRP C 131 10.52 -2.02 9.98
C TRP C 131 9.34 -1.24 9.42
N PRO C 132 9.53 -0.61 8.25
CA PRO C 132 8.44 0.15 7.63
C PRO C 132 7.41 -0.86 7.14
N ARG C 133 6.14 -0.48 7.15
CA ARG C 133 5.05 -1.36 6.71
C ARG C 133 5.35 -2.08 5.40
N GLU C 134 5.78 -1.33 4.39
CA GLU C 134 6.06 -1.93 3.09
C GLU C 134 7.06 -3.10 3.18
N LYS C 135 8.11 -2.91 3.97
CA LYS C 135 9.14 -3.95 4.12
C LYS C 135 8.62 -5.14 4.91
N ALA C 136 7.90 -4.87 6.00
CA ALA C 136 7.35 -5.93 6.84
C ALA C 136 6.27 -6.75 6.13
N GLU C 137 5.40 -6.08 5.38
CA GLU C 137 4.32 -6.79 4.69
C GLU C 137 4.83 -7.69 3.57
N ALA C 138 5.92 -7.30 2.90
CA ALA C 138 6.46 -8.12 1.82
C ALA C 138 6.99 -9.43 2.42
N LYS C 139 7.76 -9.31 3.49
CA LYS C 139 8.30 -10.49 4.16
C LYS C 139 7.16 -11.36 4.72
N ALA C 140 6.13 -10.70 5.24
CA ALA C 140 4.99 -11.41 5.79
C ALA C 140 4.25 -12.13 4.67
N MET C 141 4.01 -11.43 3.56
CA MET C 141 3.33 -12.04 2.42
C MET C 141 4.11 -13.25 1.97
N GLU C 142 5.43 -13.10 1.93
CA GLU C 142 6.33 -14.16 1.52
C GLU C 142 6.17 -15.34 2.48
N LEU C 143 6.18 -15.03 3.79
CA LEU C 143 6.02 -16.06 4.80
C LEU C 143 4.65 -16.75 4.68
N LEU C 144 3.60 -15.98 4.41
CA LEU C 144 2.26 -16.54 4.26
C LEU C 144 2.20 -17.48 3.07
N ASP C 145 2.91 -17.12 2.02
CA ASP C 145 2.94 -17.95 0.84
C ASP C 145 3.68 -19.24 1.20
N LYS C 146 4.74 -19.08 1.98
CA LYS C 146 5.56 -20.19 2.44
C LYS C 146 4.73 -21.25 3.19
N VAL C 147 3.72 -20.79 3.95
CA VAL C 147 2.88 -21.72 4.70
C VAL C 147 1.53 -22.00 4.00
N GLY C 148 1.42 -21.55 2.75
CA GLY C 148 0.22 -21.77 1.95
C GLY C 148 -1.05 -21.00 2.26
N LEU C 149 -0.92 -19.81 2.86
CA LEU C 149 -2.10 -19.03 3.19
C LEU C 149 -2.04 -17.60 2.70
N LYS C 150 -1.33 -17.36 1.60
CA LYS C 150 -1.22 -16.01 1.06
C LYS C 150 -2.59 -15.45 0.70
N ASP C 151 -3.54 -16.33 0.41
CA ASP C 151 -4.89 -15.90 0.06
C ASP C 151 -5.72 -15.49 1.29
N LYS C 152 -5.16 -15.70 2.48
CA LYS C 152 -5.84 -15.33 3.72
C LYS C 152 -5.28 -14.04 4.32
N ALA C 153 -4.27 -13.47 3.67
CA ALA C 153 -3.63 -12.25 4.17
C ALA C 153 -4.60 -11.20 4.69
N HIS C 154 -5.60 -10.86 3.88
CA HIS C 154 -6.55 -9.84 4.29
C HIS C 154 -7.83 -10.34 4.97
N ALA C 155 -7.81 -11.60 5.39
CA ALA C 155 -8.94 -12.19 6.12
C ALA C 155 -8.59 -12.02 7.60
N TYR C 156 -9.57 -12.21 8.49
CA TYR C 156 -9.35 -12.10 9.93
C TYR C 156 -9.25 -13.48 10.56
N PRO C 157 -8.33 -13.66 11.52
CA PRO C 157 -8.06 -14.90 12.24
C PRO C 157 -9.26 -15.74 12.72
N ASP C 158 -10.36 -15.09 13.08
CA ASP C 158 -11.50 -15.87 13.57
C ASP C 158 -12.21 -16.69 12.49
N SER C 159 -11.80 -16.56 11.24
CA SER C 159 -12.42 -17.34 10.17
C SER C 159 -11.53 -18.51 9.77
N LEU C 160 -10.38 -18.63 10.44
CA LEU C 160 -9.44 -19.70 10.14
C LEU C 160 -9.65 -20.99 10.94
N SER C 161 -9.35 -22.12 10.32
CA SER C 161 -9.47 -23.41 10.99
C SER C 161 -8.17 -23.58 11.79
N GLY C 162 -8.18 -24.51 12.76
CA GLY C 162 -7.01 -24.74 13.58
C GLY C 162 -5.71 -24.99 12.83
N GLY C 163 -5.77 -25.77 11.76
CA GLY C 163 -4.58 -26.04 10.99
C GLY C 163 -4.04 -24.77 10.36
N GLN C 164 -4.95 -23.89 9.97
CA GLN C 164 -4.59 -22.62 9.34
C GLN C 164 -4.07 -21.62 10.36
N ALA C 165 -4.79 -21.52 11.48
CA ALA C 165 -4.41 -20.61 12.54
C ALA C 165 -2.99 -20.87 13.03
N GLN C 166 -2.65 -22.13 13.23
CA GLN C 166 -1.32 -22.50 13.70
C GLN C 166 -0.27 -22.12 12.67
N ARG C 167 -0.56 -22.37 11.38
CA ARG C 167 0.39 -22.00 10.33
C ARG C 167 0.62 -20.49 10.35
N VAL C 168 -0.44 -19.73 10.61
CA VAL C 168 -0.30 -18.27 10.68
C VAL C 168 0.58 -17.92 11.89
N ALA C 169 0.38 -18.66 12.99
CA ALA C 169 1.16 -18.47 14.22
C ALA C 169 2.62 -18.78 13.97
N ILE C 170 2.89 -19.81 13.19
CA ILE C 170 4.26 -20.16 12.87
C ILE C 170 4.84 -19.02 12.01
N ALA C 171 4.04 -18.49 11.11
CA ALA C 171 4.46 -17.37 10.23
C ALA C 171 4.79 -16.14 11.06
N ARG C 172 3.97 -15.88 12.08
CA ARG C 172 4.17 -14.73 12.96
C ARG C 172 5.51 -14.85 13.67
N ALA C 173 5.75 -16.00 14.29
CA ALA C 173 6.97 -16.27 15.03
C ALA C 173 8.21 -16.17 14.12
N LEU C 174 8.05 -16.60 12.87
CA LEU C 174 9.13 -16.56 11.88
C LEU C 174 9.37 -15.14 11.40
N ALA C 175 8.33 -14.31 11.46
CA ALA C 175 8.41 -12.94 11.00
C ALA C 175 9.52 -12.11 11.64
N MET C 176 9.91 -12.46 12.86
CA MET C 176 10.98 -11.73 13.55
C MET C 176 12.36 -12.23 13.09
N GLU C 177 12.36 -13.21 12.20
CA GLU C 177 13.59 -13.81 11.69
C GLU C 177 14.50 -14.27 12.82
N PRO C 178 13.99 -15.18 13.67
CA PRO C 178 14.78 -15.69 14.79
C PRO C 178 15.79 -16.73 14.29
N LYS C 179 16.82 -17.00 15.08
CA LYS C 179 17.80 -18.00 14.69
C LYS C 179 17.46 -19.33 15.33
N ILE C 180 16.42 -19.34 16.18
CA ILE C 180 15.94 -20.54 16.86
C ILE C 180 14.41 -20.58 16.93
N MET C 181 13.84 -21.75 16.66
CA MET C 181 12.40 -21.93 16.71
C MET C 181 12.03 -23.05 17.67
N LEU C 182 11.27 -22.69 18.71
CA LEU C 182 10.83 -23.67 19.70
C LEU C 182 9.37 -24.02 19.41
N PHE C 183 9.06 -25.32 19.43
CA PHE C 183 7.71 -25.79 19.18
C PHE C 183 7.27 -26.63 20.38
N ASP C 184 6.24 -26.18 21.09
CA ASP C 184 5.74 -26.91 22.25
C ASP C 184 4.44 -27.63 21.86
N GLU C 185 4.58 -28.86 21.34
CA GLU C 185 3.44 -29.66 20.91
C GLU C 185 2.46 -28.83 20.08
N PRO C 186 2.92 -28.33 18.93
CA PRO C 186 2.11 -27.51 18.03
C PRO C 186 0.84 -28.15 17.46
N THR C 187 0.79 -29.47 17.36
CA THR C 187 -0.39 -30.13 16.79
C THR C 187 -1.23 -30.96 17.77
N SER C 188 -0.93 -30.87 19.06
CA SER C 188 -1.65 -31.65 20.07
C SER C 188 -3.09 -31.23 20.35
N ALA C 189 -3.54 -30.15 19.72
CA ALA C 189 -4.91 -29.71 19.94
C ALA C 189 -5.68 -29.67 18.63
N LEU C 190 -5.04 -30.08 17.55
CA LEU C 190 -5.67 -30.08 16.24
C LEU C 190 -6.24 -31.44 15.89
N ASP C 191 -7.39 -31.45 15.22
CA ASP C 191 -8.01 -32.71 14.80
C ASP C 191 -7.06 -33.34 13.80
N PRO C 192 -7.06 -34.67 13.71
CA PRO C 192 -6.22 -35.45 12.81
C PRO C 192 -6.03 -34.88 11.41
N GLU C 193 -7.13 -34.50 10.77
CA GLU C 193 -7.09 -33.97 9.42
C GLU C 193 -6.27 -32.67 9.32
N MET C 194 -6.22 -31.93 10.41
CA MET C 194 -5.48 -30.67 10.42
C MET C 194 -4.01 -30.80 10.79
N VAL C 195 -3.67 -31.85 11.53
CA VAL C 195 -2.29 -32.05 11.93
C VAL C 195 -1.28 -32.05 10.77
N GLY C 196 -1.64 -32.75 9.70
CA GLY C 196 -0.77 -32.86 8.55
C GLY C 196 -0.23 -31.58 7.93
N GLU C 197 -1.07 -30.55 7.85
CA GLU C 197 -0.63 -29.29 7.24
C GLU C 197 0.39 -28.54 8.08
N VAL C 198 0.35 -28.72 9.39
CA VAL C 198 1.30 -28.05 10.27
C VAL C 198 2.64 -28.75 10.21
N LEU C 199 2.63 -30.07 10.43
CA LEU C 199 3.87 -30.86 10.38
C LEU C 199 4.59 -30.60 9.07
N SER C 200 3.81 -30.42 8.00
CA SER C 200 4.39 -30.17 6.69
C SER C 200 5.20 -28.88 6.66
N VAL C 201 4.68 -27.79 7.23
CA VAL C 201 5.44 -26.54 7.24
C VAL C 201 6.63 -26.67 8.18
N MET C 202 6.46 -27.42 9.27
CA MET C 202 7.54 -27.64 10.21
C MET C 202 8.66 -28.41 9.51
N LYS C 203 8.28 -29.38 8.70
CA LYS C 203 9.23 -30.19 7.93
C LYS C 203 9.95 -29.29 6.94
N GLN C 204 9.20 -28.40 6.31
CA GLN C 204 9.76 -27.46 5.34
C GLN C 204 10.77 -26.54 6.02
N LEU C 205 10.45 -26.09 7.22
CA LEU C 205 11.32 -25.19 7.98
C LEU C 205 12.61 -25.91 8.36
N ALA C 206 12.49 -27.20 8.65
CA ALA C 206 13.66 -27.99 9.02
C ALA C 206 14.61 -28.16 7.83
N ASN C 207 14.04 -28.30 6.63
CA ASN C 207 14.86 -28.47 5.44
C ASN C 207 15.52 -27.16 5.06
N GLU C 208 14.95 -26.05 5.50
CA GLU C 208 15.52 -24.75 5.21
C GLU C 208 16.70 -24.45 6.12
N GLY C 209 16.98 -25.37 7.05
CA GLY C 209 18.12 -25.23 7.95
C GLY C 209 17.94 -24.56 9.31
N MET C 210 16.71 -24.42 9.77
CA MET C 210 16.41 -23.78 11.05
C MET C 210 16.76 -24.63 12.26
N THR C 211 17.44 -24.05 13.24
CA THR C 211 17.75 -24.79 14.46
C THR C 211 16.38 -24.93 15.14
N MET C 212 15.96 -26.14 15.45
CA MET C 212 14.65 -26.34 16.04
C MET C 212 14.63 -27.29 17.23
N VAL C 213 13.79 -26.98 18.20
CA VAL C 213 13.61 -27.84 19.37
C VAL C 213 12.11 -28.09 19.39
N VAL C 214 11.73 -29.33 19.09
CA VAL C 214 10.32 -29.70 18.99
C VAL C 214 9.83 -30.71 20.00
N VAL C 215 8.94 -30.27 20.89
CA VAL C 215 8.32 -31.16 21.86
C VAL C 215 7.12 -31.74 21.13
N THR C 216 7.14 -33.03 20.82
CA THR C 216 6.02 -33.62 20.10
C THR C 216 5.73 -35.10 20.36
N HIS C 217 4.52 -35.51 20.01
CA HIS C 217 4.07 -36.90 20.16
C HIS C 217 3.94 -37.53 18.77
N GLU C 218 4.19 -36.73 17.74
CA GLU C 218 4.12 -37.23 16.39
C GLU C 218 5.43 -37.94 16.05
N MET C 219 5.52 -39.21 16.44
CA MET C 219 6.70 -40.01 16.20
C MET C 219 7.08 -40.07 14.74
N GLY C 220 6.09 -39.91 13.86
CA GLY C 220 6.38 -39.94 12.44
C GLY C 220 7.27 -38.76 12.08
N PHE C 221 6.87 -37.58 12.56
CA PHE C 221 7.64 -36.36 12.31
C PHE C 221 9.03 -36.52 12.92
N ALA C 222 9.06 -36.88 14.19
CA ALA C 222 10.31 -37.07 14.93
C ALA C 222 11.30 -37.93 14.16
N ARG C 223 10.81 -39.07 13.66
CA ARG C 223 11.65 -39.98 12.92
C ARG C 223 12.10 -39.41 11.58
N GLU C 224 11.14 -38.92 10.80
CA GLU C 224 11.40 -38.38 9.48
C GLU C 224 12.22 -37.09 9.45
N VAL C 225 11.98 -36.20 10.41
CA VAL C 225 12.66 -34.90 10.43
C VAL C 225 13.71 -34.65 11.52
N GLY C 226 13.57 -35.31 12.66
CA GLY C 226 14.51 -35.09 13.74
C GLY C 226 15.92 -35.61 13.50
N ASP C 227 16.91 -34.86 13.99
CA ASP C 227 18.32 -35.26 13.87
C ASP C 227 18.65 -36.03 15.13
N ARG C 228 18.05 -35.62 16.24
CA ARG C 228 18.27 -36.24 17.53
C ARG C 228 16.95 -36.26 18.31
N VAL C 229 16.83 -37.20 19.24
CA VAL C 229 15.61 -37.29 20.03
C VAL C 229 15.93 -37.42 21.52
N LEU C 230 15.23 -36.64 22.34
CA LEU C 230 15.44 -36.65 23.78
C LEU C 230 14.20 -37.15 24.51
N PHE C 231 14.35 -38.25 25.25
CA PHE C 231 13.26 -38.81 26.01
C PHE C 231 13.32 -38.28 27.44
N MET C 232 12.31 -37.52 27.82
CA MET C 232 12.27 -36.95 29.17
C MET C 232 11.20 -37.63 29.99
N ASP C 233 11.40 -37.63 31.29
CA ASP C 233 10.46 -38.22 32.23
C ASP C 233 11.03 -38.00 33.63
N GLY C 234 10.23 -37.40 34.50
CA GLY C 234 10.69 -37.17 35.85
C GLY C 234 11.59 -35.96 36.01
N GLY C 235 11.53 -35.04 35.05
CA GLY C 235 12.34 -33.84 35.15
C GLY C 235 13.75 -33.94 34.58
N TYR C 236 14.07 -35.07 33.96
CA TYR C 236 15.38 -35.25 33.37
C TYR C 236 15.32 -36.13 32.13
N ILE C 237 16.45 -36.23 31.43
CA ILE C 237 16.55 -37.02 30.22
C ILE C 237 16.93 -38.46 30.54
N ILE C 238 16.18 -39.41 29.99
CA ILE C 238 16.43 -40.83 30.23
C ILE C 238 17.24 -41.47 29.11
N GLU C 239 17.01 -41.03 27.88
CA GLU C 239 17.75 -41.58 26.74
C GLU C 239 17.74 -40.66 25.53
N GLU C 240 18.83 -40.70 24.76
CA GLU C 240 18.97 -39.87 23.57
C GLU C 240 19.43 -40.70 22.40
N GLY C 241 19.84 -40.03 21.32
CA GLY C 241 20.32 -40.72 20.14
C GLY C 241 19.54 -40.38 18.88
N LYS C 242 20.05 -40.82 17.73
CA LYS C 242 19.38 -40.56 16.46
C LYS C 242 17.98 -41.17 16.51
N PRO C 243 17.07 -40.72 15.64
CA PRO C 243 15.70 -41.24 15.62
C PRO C 243 15.65 -42.75 15.40
N GLU C 244 16.43 -43.22 14.42
CA GLU C 244 16.50 -44.63 14.09
C GLU C 244 16.85 -45.45 15.33
N ASP C 245 17.99 -45.12 15.91
CA ASP C 245 18.50 -45.81 17.09
C ASP C 245 17.58 -45.77 18.30
N LEU C 246 17.10 -44.58 18.66
CA LEU C 246 16.23 -44.45 19.84
C LEU C 246 14.88 -45.13 19.67
N PHE C 247 14.39 -45.21 18.44
CA PHE C 247 13.11 -45.84 18.19
C PHE C 247 13.19 -47.36 17.99
N ASP C 248 14.10 -47.80 17.14
CA ASP C 248 14.24 -49.24 16.87
C ASP C 248 15.17 -49.94 17.85
N ARG C 249 16.18 -49.22 18.33
CA ARG C 249 17.15 -49.79 19.26
C ARG C 249 17.21 -49.05 20.61
N PRO C 250 16.09 -49.02 21.35
CA PRO C 250 16.01 -48.35 22.66
C PRO C 250 16.72 -49.15 23.76
N GLN C 251 17.70 -48.53 24.40
CA GLN C 251 18.48 -49.18 25.44
C GLN C 251 17.93 -49.20 26.86
N HIS C 252 17.32 -48.11 27.30
CA HIS C 252 16.82 -48.05 28.67
C HIS C 252 15.39 -48.53 28.82
N GLU C 253 15.02 -48.89 30.05
CA GLU C 253 13.69 -49.40 30.35
C GLU C 253 12.56 -48.50 29.87
N ARG C 254 12.37 -47.37 30.53
CA ARG C 254 11.31 -46.44 30.19
C ARG C 254 11.21 -46.17 28.69
N THR C 255 12.35 -45.97 28.04
CA THR C 255 12.35 -45.72 26.61
C THR C 255 11.57 -46.83 25.90
N LYS C 256 11.67 -48.04 26.44
CA LYS C 256 10.96 -49.20 25.91
C LYS C 256 9.52 -49.09 26.40
N ALA C 257 9.39 -48.68 27.66
CA ALA C 257 8.09 -48.52 28.30
C ALA C 257 7.37 -47.24 27.88
N PHE C 258 7.66 -46.77 26.66
CA PHE C 258 7.01 -45.57 26.16
C PHE C 258 6.51 -45.85 24.75
N LEU C 259 7.42 -46.32 23.89
CA LEU C 259 7.05 -46.64 22.51
C LEU C 259 6.12 -47.85 22.53
N SER C 260 5.90 -48.40 23.71
CA SER C 260 5.02 -49.56 23.87
C SER C 260 4.62 -49.78 25.33
N LYS C 261 3.82 -48.86 25.85
CA LYS C 261 3.30 -48.90 27.22
C LYS C 261 2.23 -47.83 27.30
N VAL C 262 2.13 -47.06 26.22
CA VAL C 262 1.16 -45.98 26.08
C VAL C 262 1.15 -45.61 24.59
N PHE C 263 1.82 -46.43 23.80
CA PHE C 263 1.91 -46.22 22.36
C PHE C 263 2.50 -47.46 21.67
N GLN D 23 -29.84 8.50 13.71
CA GLN D 23 -29.84 7.00 13.77
C GLN D 23 -28.68 6.46 14.58
N MET D 24 -28.72 5.17 14.90
CA MET D 24 -27.66 4.56 15.69
C MET D 24 -26.42 4.26 14.86
N ILE D 25 -26.62 3.91 13.61
CA ILE D 25 -25.51 3.62 12.70
C ILE D 25 -25.78 4.25 11.35
N ASP D 26 -24.89 5.14 10.93
CA ASP D 26 -25.02 5.81 9.63
C ASP D 26 -23.78 5.64 8.77
N VAL D 27 -23.93 4.87 7.70
CA VAL D 27 -22.82 4.63 6.80
C VAL D 27 -23.16 5.15 5.41
N HIS D 28 -22.24 5.91 4.81
CA HIS D 28 -22.49 6.45 3.49
C HIS D 28 -21.31 6.24 2.55
N GLN D 29 -21.54 5.48 1.49
CA GLN D 29 -20.53 5.19 0.49
C GLN D 29 -19.22 4.73 1.10
N LEU D 30 -19.31 3.74 1.99
CA LEU D 30 -18.12 3.20 2.64
C LEU D 30 -17.30 2.39 1.65
N LYS D 31 -16.02 2.72 1.58
CA LYS D 31 -15.11 2.00 0.69
C LYS D 31 -13.86 1.62 1.47
N LYS D 32 -13.33 0.45 1.16
CA LYS D 32 -12.13 -0.01 1.82
C LYS D 32 -11.43 -1.01 0.93
N SER D 33 -10.13 -0.79 0.73
CA SER D 33 -9.30 -1.65 -0.08
C SER D 33 -8.05 -1.97 0.72
N PHE D 34 -7.42 -3.08 0.40
CA PHE D 34 -6.17 -3.47 1.04
C PHE D 34 -5.22 -3.53 -0.17
N GLY D 35 -4.52 -2.44 -0.43
CA GLY D 35 -3.65 -2.42 -1.59
C GLY D 35 -4.56 -2.49 -2.80
N SER D 36 -4.42 -3.53 -3.61
CA SER D 36 -5.26 -3.70 -4.79
C SER D 36 -6.60 -4.41 -4.50
N LEU D 37 -6.69 -5.10 -3.35
CA LEU D 37 -7.91 -5.81 -3.01
C LEU D 37 -9.01 -4.83 -2.58
N GLU D 38 -10.07 -4.75 -3.37
CA GLU D 38 -11.18 -3.83 -3.07
C GLU D 38 -12.27 -4.56 -2.31
N VAL D 39 -12.12 -4.67 -0.99
CA VAL D 39 -13.10 -5.37 -0.18
C VAL D 39 -14.47 -4.68 -0.12
N LEU D 40 -14.49 -3.40 0.21
CA LEU D 40 -15.74 -2.65 0.27
C LEU D 40 -15.72 -1.61 -0.87
N LYS D 41 -16.72 -1.65 -1.74
CA LYS D 41 -16.79 -0.75 -2.89
C LYS D 41 -17.85 0.35 -2.86
N GLY D 42 -18.42 0.59 -1.68
CA GLY D 42 -19.45 1.62 -1.60
C GLY D 42 -20.67 1.06 -0.90
N ILE D 43 -20.62 1.10 0.42
CA ILE D 43 -21.71 0.58 1.24
C ILE D 43 -22.48 1.72 1.87
N ASN D 44 -23.80 1.57 1.91
CA ASN D 44 -24.70 2.54 2.50
C ASN D 44 -25.60 1.76 3.45
N VAL D 45 -25.57 2.12 4.73
CA VAL D 45 -26.36 1.44 5.74
C VAL D 45 -26.81 2.43 6.81
N HIS D 46 -28.10 2.36 7.15
CA HIS D 46 -28.65 3.26 8.16
C HIS D 46 -29.52 2.43 9.08
N ILE D 47 -29.11 2.34 10.35
CA ILE D 47 -29.81 1.52 11.32
C ILE D 47 -30.26 2.32 12.53
N ARG D 48 -31.48 2.04 12.97
CA ARG D 48 -32.05 2.73 14.11
C ARG D 48 -31.94 1.87 15.36
N GLU D 49 -32.03 2.51 16.52
CA GLU D 49 -31.94 1.82 17.79
C GLU D 49 -33.03 0.77 17.91
N GLY D 50 -32.64 -0.45 18.27
CA GLY D 50 -33.62 -1.51 18.41
C GLY D 50 -33.63 -2.47 17.24
N GLU D 51 -33.17 -1.99 16.08
CA GLU D 51 -33.13 -2.83 14.89
C GLU D 51 -32.11 -3.94 14.98
N VAL D 52 -32.49 -5.10 14.47
CA VAL D 52 -31.62 -6.26 14.43
C VAL D 52 -31.40 -6.47 12.94
N VAL D 53 -30.20 -6.14 12.48
CA VAL D 53 -29.86 -6.29 11.06
C VAL D 53 -29.01 -7.53 10.83
N VAL D 54 -29.43 -8.38 9.90
CA VAL D 54 -28.67 -9.59 9.59
C VAL D 54 -27.92 -9.40 8.26
N VAL D 55 -26.62 -9.66 8.28
CA VAL D 55 -25.81 -9.51 7.09
C VAL D 55 -25.34 -10.86 6.58
N ILE D 56 -25.73 -11.19 5.35
CA ILE D 56 -25.38 -12.48 4.76
C ILE D 56 -24.60 -12.33 3.45
N GLY D 57 -23.97 -13.41 3.00
CA GLY D 57 -23.23 -13.37 1.76
C GLY D 57 -22.08 -14.35 1.72
N PRO D 58 -21.56 -14.66 0.52
CA PRO D 58 -20.44 -15.61 0.46
C PRO D 58 -19.18 -15.05 1.07
N SER D 59 -18.23 -15.93 1.34
CA SER D 59 -16.95 -15.54 1.91
C SER D 59 -16.31 -14.50 0.97
N GLY D 60 -15.57 -13.56 1.54
CA GLY D 60 -14.90 -12.54 0.75
C GLY D 60 -15.74 -11.33 0.36
N SER D 61 -17.00 -11.32 0.76
CA SER D 61 -17.89 -10.20 0.43
C SER D 61 -17.63 -8.95 1.27
N GLY D 62 -16.71 -9.04 2.22
CA GLY D 62 -16.41 -7.88 3.05
C GLY D 62 -17.28 -7.71 4.27
N LYS D 63 -17.98 -8.75 4.66
CA LYS D 63 -18.84 -8.69 5.83
C LYS D 63 -18.02 -8.39 7.08
N SER D 64 -16.91 -9.09 7.26
CA SER D 64 -16.04 -8.88 8.41
C SER D 64 -15.40 -7.50 8.45
N THR D 65 -14.84 -7.06 7.32
CA THR D 65 -14.21 -5.76 7.27
C THR D 65 -15.24 -4.68 7.58
N PHE D 66 -16.46 -4.90 7.11
CA PHE D 66 -17.55 -3.95 7.35
C PHE D 66 -17.79 -3.76 8.83
N LEU D 67 -17.97 -4.87 9.55
CA LEU D 67 -18.23 -4.80 10.99
C LEU D 67 -17.12 -4.07 11.74
N ARG D 68 -15.86 -4.42 11.47
CA ARG D 68 -14.75 -3.79 12.16
C ARG D 68 -14.57 -2.30 11.83
N CYS D 69 -15.19 -1.82 10.75
CA CYS D 69 -15.10 -0.39 10.43
C CYS D 69 -16.03 0.38 11.37
N LEU D 70 -17.15 -0.27 11.73
CA LEU D 70 -18.14 0.34 12.62
C LEU D 70 -17.63 0.63 14.03
N ASN D 71 -16.70 -0.16 14.54
CA ASN D 71 -16.22 0.09 15.90
C ASN D 71 -14.73 0.47 15.98
N LEU D 72 -14.23 1.06 14.90
CA LEU D 72 -12.84 1.52 14.85
C LEU D 72 -11.72 0.48 14.81
N LEU D 73 -12.04 -0.80 14.66
CA LEU D 73 -11.00 -1.81 14.61
C LEU D 73 -10.32 -1.82 13.24
N GLU D 74 -11.03 -1.33 12.24
CA GLU D 74 -10.50 -1.24 10.88
C GLU D 74 -10.76 0.16 10.36
N ASP D 75 -9.74 0.75 9.78
CA ASP D 75 -9.88 2.10 9.21
C ASP D 75 -10.41 1.96 7.78
N PHE D 76 -11.01 3.02 7.25
CA PHE D 76 -11.54 3.00 5.89
C PHE D 76 -11.02 4.14 5.01
N ASP D 77 -11.01 3.92 3.70
CA ASP D 77 -10.48 4.88 2.73
C ASP D 77 -11.42 5.99 2.27
N GLU D 78 -12.65 5.63 1.91
CA GLU D 78 -13.64 6.63 1.46
C GLU D 78 -14.96 6.40 2.21
N GLY D 79 -15.85 7.39 2.15
CA GLY D 79 -17.13 7.25 2.79
C GLY D 79 -17.19 7.90 4.17
N GLU D 80 -18.35 7.77 4.81
CA GLU D 80 -18.55 8.36 6.12
C GLU D 80 -19.29 7.42 7.06
N ILE D 81 -18.85 7.37 8.31
CA ILE D 81 -19.49 6.53 9.31
C ILE D 81 -19.77 7.36 10.56
N ILE D 82 -21.01 7.32 11.02
CA ILE D 82 -21.41 8.02 12.23
C ILE D 82 -22.08 6.98 13.10
N ILE D 83 -21.52 6.78 14.29
CA ILE D 83 -22.01 5.79 15.25
C ILE D 83 -22.54 6.53 16.47
N ASP D 84 -23.84 6.43 16.70
CA ASP D 84 -24.46 7.08 17.84
C ASP D 84 -24.07 8.55 17.94
N GLY D 85 -24.19 9.27 16.83
CA GLY D 85 -23.86 10.69 16.81
C GLY D 85 -22.41 11.04 16.60
N ILE D 86 -21.52 10.05 16.61
CA ILE D 86 -20.10 10.32 16.44
C ILE D 86 -19.53 9.96 15.06
N ASN D 87 -19.05 10.98 14.36
CA ASN D 87 -18.44 10.76 13.05
C ASN D 87 -17.04 10.24 13.36
N LEU D 88 -16.79 8.99 12.98
CA LEU D 88 -15.50 8.36 13.24
C LEU D 88 -14.29 9.11 12.69
N LYS D 89 -14.51 9.98 11.71
CA LYS D 89 -13.38 10.72 11.15
C LYS D 89 -13.36 12.20 11.48
N ALA D 90 -14.27 12.63 12.35
CA ALA D 90 -14.33 14.03 12.77
C ALA D 90 -13.09 14.34 13.62
N LYS D 91 -12.46 15.47 13.35
CA LYS D 91 -11.26 15.88 14.07
C LYS D 91 -11.47 15.96 15.59
N ASP D 92 -10.59 15.29 16.32
CA ASP D 92 -10.64 15.29 17.79
C ASP D 92 -11.97 14.87 18.39
N THR D 93 -12.89 14.37 17.57
CA THR D 93 -14.19 13.95 18.07
C THR D 93 -14.02 12.88 19.14
N ASN D 94 -15.08 12.60 19.89
CA ASN D 94 -15.02 11.61 20.98
C ASN D 94 -15.07 10.15 20.55
N LEU D 95 -13.89 9.57 20.29
CA LEU D 95 -13.83 8.17 19.86
C LEU D 95 -13.94 7.16 21.01
N ASN D 96 -13.37 7.47 22.17
CA ASN D 96 -13.43 6.54 23.30
C ASN D 96 -14.86 6.08 23.57
N LYS D 97 -15.82 6.97 23.41
CA LYS D 97 -17.22 6.65 23.64
C LYS D 97 -17.69 5.52 22.73
N VAL D 98 -17.30 5.58 21.47
CA VAL D 98 -17.69 4.55 20.50
C VAL D 98 -17.11 3.20 20.93
N ARG D 99 -15.81 3.20 21.24
CA ARG D 99 -15.13 1.98 21.67
C ARG D 99 -15.75 1.39 22.94
N GLU D 100 -16.42 2.22 23.71
CA GLU D 100 -17.06 1.75 24.94
C GLU D 100 -18.48 1.24 24.70
N GLU D 101 -19.23 1.95 23.85
CA GLU D 101 -20.61 1.61 23.57
C GLU D 101 -20.84 0.49 22.55
N VAL D 102 -19.80 0.14 21.79
CA VAL D 102 -19.95 -0.93 20.80
C VAL D 102 -19.23 -2.20 21.19
N GLY D 103 -19.99 -3.28 21.33
CA GLY D 103 -19.41 -4.56 21.68
C GLY D 103 -19.31 -5.47 20.47
N MET D 104 -18.36 -6.39 20.47
CA MET D 104 -18.21 -7.28 19.34
C MET D 104 -17.84 -8.69 19.74
N VAL D 105 -18.44 -9.65 19.06
CA VAL D 105 -18.19 -11.04 19.31
C VAL D 105 -17.69 -11.66 18.02
N PHE D 106 -16.53 -12.30 18.07
CA PHE D 106 -15.95 -12.92 16.89
C PHE D 106 -16.31 -14.40 16.72
N GLN D 107 -15.88 -14.99 15.61
CA GLN D 107 -16.17 -16.40 15.32
C GLN D 107 -15.33 -17.29 16.22
N ARG D 108 -14.12 -16.84 16.52
CA ARG D 108 -13.18 -17.58 17.37
C ARG D 108 -12.23 -16.60 18.07
N PHE D 109 -11.40 -17.11 18.98
CA PHE D 109 -10.45 -16.25 19.68
C PHE D 109 -11.08 -15.04 20.40
N ASN D 110 -12.10 -15.28 21.21
CA ASN D 110 -12.75 -14.20 21.94
C ASN D 110 -12.22 -14.03 23.35
N LEU D 111 -11.44 -15.00 23.83
CA LEU D 111 -10.97 -14.95 25.20
C LEU D 111 -9.49 -15.22 25.38
N PHE D 112 -8.93 -14.71 26.48
CA PHE D 112 -7.54 -14.94 26.80
C PHE D 112 -7.54 -16.34 27.42
N PRO D 113 -6.85 -17.30 26.78
CA PRO D 113 -6.76 -18.69 27.24
C PRO D 113 -6.19 -18.90 28.64
N HIS D 114 -5.14 -18.17 28.98
CA HIS D 114 -4.48 -18.28 30.28
C HIS D 114 -5.18 -17.51 31.38
N MET D 115 -6.39 -17.05 31.11
CA MET D 115 -7.15 -16.26 32.07
C MET D 115 -8.48 -16.95 32.34
N THR D 116 -8.98 -16.89 33.58
CA THR D 116 -10.24 -17.53 33.91
C THR D 116 -11.41 -16.81 33.24
N VAL D 117 -12.56 -17.46 33.19
CA VAL D 117 -13.77 -16.88 32.60
C VAL D 117 -14.09 -15.56 33.30
N LEU D 118 -14.00 -15.55 34.62
CA LEU D 118 -14.29 -14.35 35.40
C LEU D 118 -13.32 -13.21 35.08
N ASN D 119 -12.03 -13.51 35.08
CA ASN D 119 -11.05 -12.46 34.79
C ASN D 119 -11.10 -11.99 33.34
N ASN D 120 -11.66 -12.81 32.46
CA ASN D 120 -11.79 -12.44 31.05
C ASN D 120 -12.92 -11.41 30.95
N ILE D 121 -13.97 -11.64 31.73
CA ILE D 121 -15.13 -10.76 31.71
C ILE D 121 -14.93 -9.39 32.35
N THR D 122 -14.22 -9.33 33.46
CA THR D 122 -14.00 -8.05 34.16
C THR D 122 -12.85 -7.21 33.62
N LEU D 123 -11.98 -7.81 32.80
CA LEU D 123 -10.81 -7.10 32.26
C LEU D 123 -11.13 -5.71 31.72
N ALA D 124 -12.02 -5.61 30.74
CA ALA D 124 -12.37 -4.32 30.14
C ALA D 124 -13.10 -3.36 31.11
N PRO D 125 -14.18 -3.83 31.76
CA PRO D 125 -14.89 -2.95 32.70
C PRO D 125 -13.95 -2.29 33.69
N MET D 126 -13.12 -3.10 34.34
CA MET D 126 -12.18 -2.60 35.33
C MET D 126 -11.16 -1.63 34.76
N LYS D 127 -10.68 -1.89 33.54
CA LYS D 127 -9.67 -1.02 32.92
C LYS D 127 -10.24 0.22 32.23
N VAL D 128 -11.21 0.01 31.34
CA VAL D 128 -11.82 1.09 30.59
C VAL D 128 -12.76 1.98 31.41
N ARG D 129 -13.67 1.37 32.17
CA ARG D 129 -14.61 2.12 32.98
C ARG D 129 -14.07 2.36 34.39
N LYS D 130 -12.88 1.83 34.67
CA LYS D 130 -12.24 2.01 35.97
C LYS D 130 -13.02 1.45 37.16
N TRP D 131 -13.85 0.45 36.90
CA TRP D 131 -14.65 -0.16 37.97
C TRP D 131 -13.83 -0.93 38.99
N PRO D 132 -14.23 -0.90 40.26
CA PRO D 132 -13.48 -1.63 41.28
C PRO D 132 -13.72 -3.12 41.02
N ARG D 133 -12.87 -4.00 41.53
CA ARG D 133 -13.02 -5.43 41.29
C ARG D 133 -14.33 -5.97 41.82
N GLU D 134 -14.70 -5.60 43.04
CA GLU D 134 -15.93 -6.08 43.63
C GLU D 134 -17.14 -5.77 42.76
N LYS D 135 -17.23 -4.54 42.29
CA LYS D 135 -18.34 -4.14 41.44
C LYS D 135 -18.34 -4.91 40.12
N ALA D 136 -17.16 -5.01 39.49
CA ALA D 136 -17.03 -5.69 38.21
C ALA D 136 -17.33 -7.19 38.30
N GLU D 137 -16.80 -7.87 39.32
CA GLU D 137 -17.04 -9.29 39.45
C GLU D 137 -18.50 -9.64 39.74
N ALA D 138 -19.18 -8.82 40.54
CA ALA D 138 -20.58 -9.09 40.85
C ALA D 138 -21.38 -9.02 39.56
N LYS D 139 -21.06 -8.05 38.71
CA LYS D 139 -21.77 -7.92 37.45
C LYS D 139 -21.41 -9.06 36.50
N ALA D 140 -20.19 -9.57 36.57
CA ALA D 140 -19.78 -10.69 35.73
C ALA D 140 -20.54 -11.95 36.13
N MET D 141 -20.71 -12.17 37.43
CA MET D 141 -21.43 -13.34 37.91
C MET D 141 -22.87 -13.31 37.43
N GLU D 142 -23.51 -12.14 37.50
CA GLU D 142 -24.89 -11.98 37.05
C GLU D 142 -25.00 -12.23 35.54
N LEU D 143 -23.97 -11.79 34.83
CA LEU D 143 -23.90 -11.96 33.38
C LEU D 143 -23.73 -13.44 33.08
N LEU D 144 -22.84 -14.08 33.81
CA LEU D 144 -22.58 -15.50 33.66
C LEU D 144 -23.82 -16.33 33.96
N ASP D 145 -24.61 -15.88 34.93
CA ASP D 145 -25.81 -16.59 35.30
C ASP D 145 -26.90 -16.46 34.24
N LYS D 146 -26.96 -15.30 33.60
CA LYS D 146 -27.96 -15.07 32.56
C LYS D 146 -27.70 -15.85 31.29
N VAL D 147 -26.54 -16.48 31.19
CA VAL D 147 -26.23 -17.30 30.03
C VAL D 147 -26.03 -18.75 30.48
N GLY D 148 -26.46 -19.03 31.72
CA GLY D 148 -26.37 -20.36 32.28
C GLY D 148 -25.01 -20.95 32.58
N LEU D 149 -24.02 -20.12 32.85
CA LEU D 149 -22.69 -20.64 33.15
C LEU D 149 -22.05 -19.99 34.36
N LYS D 150 -22.83 -19.79 35.42
CA LYS D 150 -22.32 -19.18 36.63
C LYS D 150 -21.23 -20.03 37.27
N ASP D 151 -21.40 -21.35 37.20
CA ASP D 151 -20.44 -22.27 37.80
C ASP D 151 -19.15 -22.42 37.01
N LYS D 152 -19.03 -21.70 35.90
CA LYS D 152 -17.81 -21.78 35.08
C LYS D 152 -16.87 -20.60 35.31
N ALA D 153 -17.26 -19.71 36.22
CA ALA D 153 -16.49 -18.51 36.55
C ALA D 153 -14.99 -18.72 36.72
N HIS D 154 -14.59 -19.80 37.38
CA HIS D 154 -13.17 -20.03 37.60
C HIS D 154 -12.54 -21.06 36.66
N ALA D 155 -13.22 -21.34 35.56
CA ALA D 155 -12.70 -22.29 34.58
C ALA D 155 -11.87 -21.54 33.55
N TYR D 156 -11.03 -22.26 32.82
CA TYR D 156 -10.21 -21.67 31.78
C TYR D 156 -10.82 -22.01 30.41
N PRO D 157 -10.79 -21.05 29.47
CA PRO D 157 -11.33 -21.19 28.11
C PRO D 157 -11.19 -22.58 27.51
N ASP D 158 -10.01 -23.15 27.62
CA ASP D 158 -9.70 -24.47 27.07
C ASP D 158 -10.51 -25.62 27.67
N SER D 159 -11.26 -25.35 28.74
CA SER D 159 -12.05 -26.40 29.37
C SER D 159 -13.53 -26.23 29.07
N LEU D 160 -13.85 -25.29 28.20
CA LEU D 160 -15.23 -25.02 27.84
C LEU D 160 -15.57 -25.67 26.52
N SER D 161 -16.86 -25.95 26.31
CA SER D 161 -17.29 -26.52 25.05
C SER D 161 -17.31 -25.36 24.06
N GLY D 162 -17.66 -25.64 22.82
CA GLY D 162 -17.72 -24.58 21.83
C GLY D 162 -18.88 -23.66 22.18
N GLY D 163 -20.03 -24.25 22.49
CA GLY D 163 -21.21 -23.47 22.83
C GLY D 163 -21.06 -22.63 24.08
N GLN D 164 -20.24 -23.10 25.02
CA GLN D 164 -20.01 -22.38 26.28
C GLN D 164 -19.05 -21.21 26.11
N ALA D 165 -18.03 -21.40 25.29
CA ALA D 165 -17.04 -20.36 25.03
C ALA D 165 -17.66 -19.16 24.32
N GLN D 166 -18.60 -19.44 23.42
CA GLN D 166 -19.25 -18.36 22.69
C GLN D 166 -20.27 -17.64 23.56
N ARG D 167 -20.84 -18.34 24.53
CA ARG D 167 -21.79 -17.70 25.43
C ARG D 167 -21.01 -16.78 26.36
N VAL D 168 -19.83 -17.25 26.78
CA VAL D 168 -18.97 -16.45 27.64
C VAL D 168 -18.44 -15.26 26.82
N ALA D 169 -18.24 -15.47 25.52
CA ALA D 169 -17.77 -14.41 24.65
C ALA D 169 -18.84 -13.31 24.59
N ILE D 170 -20.10 -13.72 24.50
CA ILE D 170 -21.20 -12.75 24.46
C ILE D 170 -21.26 -12.00 25.80
N ALA D 171 -20.97 -12.71 26.88
CA ALA D 171 -20.98 -12.14 28.21
C ALA D 171 -19.90 -11.06 28.32
N ARG D 172 -18.70 -11.39 27.88
CA ARG D 172 -17.59 -10.45 27.93
C ARG D 172 -17.94 -9.16 27.20
N ALA D 173 -18.44 -9.28 25.97
CA ALA D 173 -18.81 -8.10 25.20
C ALA D 173 -19.89 -7.31 25.94
N LEU D 174 -20.81 -8.02 26.59
CA LEU D 174 -21.89 -7.41 27.34
C LEU D 174 -21.44 -6.72 28.62
N ALA D 175 -20.37 -7.21 29.22
CA ALA D 175 -19.86 -6.64 30.47
C ALA D 175 -19.68 -5.12 30.41
N MET D 176 -19.39 -4.62 29.21
CA MET D 176 -19.18 -3.19 28.99
C MET D 176 -20.50 -2.43 28.88
N GLU D 177 -21.61 -3.15 28.97
CA GLU D 177 -22.94 -2.56 28.86
C GLU D 177 -23.07 -1.71 27.59
N PRO D 178 -22.75 -2.30 26.44
CA PRO D 178 -22.84 -1.55 25.17
C PRO D 178 -24.26 -1.25 24.75
N LYS D 179 -24.40 -0.33 23.80
CA LYS D 179 -25.72 0.04 23.28
C LYS D 179 -25.88 -0.69 21.95
N ILE D 180 -24.77 -1.12 21.38
CA ILE D 180 -24.75 -1.83 20.10
C ILE D 180 -23.93 -3.11 20.22
N MET D 181 -24.41 -4.18 19.61
CA MET D 181 -23.72 -5.47 19.63
C MET D 181 -23.48 -5.94 18.20
N LEU D 182 -22.21 -6.19 17.87
CA LEU D 182 -21.83 -6.66 16.54
C LEU D 182 -21.42 -8.12 16.66
N PHE D 183 -21.93 -8.97 15.78
CA PHE D 183 -21.61 -10.38 15.81
C PHE D 183 -21.05 -10.85 14.48
N ASP D 184 -19.83 -11.39 14.50
CA ASP D 184 -19.24 -11.88 13.26
C ASP D 184 -19.23 -13.41 13.27
N GLU D 185 -20.29 -14.01 12.71
CA GLU D 185 -20.44 -15.46 12.62
C GLU D 185 -20.18 -16.20 13.95
N PRO D 186 -20.87 -15.78 15.03
CA PRO D 186 -20.71 -16.38 16.36
C PRO D 186 -20.91 -17.90 16.46
N THR D 187 -21.60 -18.50 15.51
CA THR D 187 -21.80 -19.96 15.57
C THR D 187 -21.20 -20.73 14.39
N SER D 188 -20.57 -20.03 13.45
CA SER D 188 -19.99 -20.72 12.30
C SER D 188 -18.90 -21.75 12.60
N ALA D 189 -18.28 -21.66 13.77
CA ALA D 189 -17.22 -22.60 14.12
C ALA D 189 -17.65 -23.71 15.09
N LEU D 190 -18.93 -23.77 15.43
CA LEU D 190 -19.41 -24.78 16.36
C LEU D 190 -20.07 -25.98 15.68
N ASP D 191 -20.08 -27.13 16.37
CA ASP D 191 -20.76 -28.32 15.84
C ASP D 191 -22.24 -27.96 15.92
N PRO D 192 -23.06 -28.48 14.99
CA PRO D 192 -24.50 -28.20 14.97
C PRO D 192 -25.17 -28.34 16.35
N GLU D 193 -24.66 -29.25 17.14
CA GLU D 193 -25.20 -29.51 18.46
C GLU D 193 -25.06 -28.33 19.41
N MET D 194 -24.09 -27.45 19.16
CA MET D 194 -23.84 -26.31 20.04
C MET D 194 -24.37 -24.98 19.53
N VAL D 195 -24.84 -24.97 18.29
CA VAL D 195 -25.35 -23.74 17.70
C VAL D 195 -26.52 -23.11 18.48
N GLY D 196 -27.54 -23.91 18.73
CA GLY D 196 -28.72 -23.44 19.43
C GLY D 196 -28.53 -22.63 20.69
N GLU D 197 -27.75 -23.14 21.63
CA GLU D 197 -27.52 -22.46 22.91
C GLU D 197 -26.95 -21.03 22.76
N VAL D 198 -26.17 -20.80 21.71
CA VAL D 198 -25.58 -19.48 21.47
C VAL D 198 -26.62 -18.57 20.81
N LEU D 199 -27.36 -19.13 19.84
CA LEU D 199 -28.39 -18.37 19.15
C LEU D 199 -29.49 -17.92 20.11
N SER D 200 -29.86 -18.79 21.04
CA SER D 200 -30.90 -18.47 22.02
C SER D 200 -30.54 -17.20 22.79
N VAL D 201 -29.28 -17.13 23.22
CA VAL D 201 -28.80 -15.96 23.94
C VAL D 201 -28.90 -14.74 23.03
N MET D 202 -28.55 -14.91 21.77
CA MET D 202 -28.61 -13.82 20.80
C MET D 202 -30.05 -13.38 20.59
N LYS D 203 -30.98 -14.34 20.68
CA LYS D 203 -32.39 -14.05 20.49
C LYS D 203 -32.96 -13.28 21.67
N GLN D 204 -32.47 -13.59 22.87
CA GLN D 204 -32.91 -12.89 24.07
C GLN D 204 -32.44 -11.44 23.96
N LEU D 205 -31.19 -11.24 23.57
CA LEU D 205 -30.66 -9.88 23.40
C LEU D 205 -31.56 -9.15 22.42
N ALA D 206 -31.88 -9.82 21.32
CA ALA D 206 -32.74 -9.24 20.31
C ALA D 206 -34.10 -8.89 20.92
N ASN D 207 -34.73 -9.85 21.59
CA ASN D 207 -36.03 -9.61 22.21
C ASN D 207 -35.98 -8.43 23.18
N GLU D 208 -34.85 -8.26 23.86
CA GLU D 208 -34.72 -7.16 24.82
C GLU D 208 -34.52 -5.79 24.18
N GLY D 209 -34.40 -5.74 22.86
CA GLY D 209 -34.24 -4.45 22.18
C GLY D 209 -32.83 -3.94 21.96
N MET D 210 -31.86 -4.84 21.92
CA MET D 210 -30.47 -4.46 21.70
C MET D 210 -30.24 -4.19 20.22
N THR D 211 -29.67 -3.02 19.88
CA THR D 211 -29.37 -2.72 18.49
C THR D 211 -28.31 -3.74 18.09
N MET D 212 -28.57 -4.53 17.05
CA MET D 212 -27.63 -5.57 16.65
C MET D 212 -27.36 -5.66 15.15
N VAL D 213 -26.14 -6.08 14.81
CA VAL D 213 -25.76 -6.30 13.43
C VAL D 213 -25.11 -7.69 13.47
N VAL D 214 -25.80 -8.66 12.90
CA VAL D 214 -25.30 -10.04 12.93
C VAL D 214 -24.95 -10.59 11.57
N VAL D 215 -23.69 -11.01 11.44
CA VAL D 215 -23.25 -11.63 10.20
C VAL D 215 -23.42 -13.10 10.54
N THR D 216 -24.09 -13.85 9.67
CA THR D 216 -24.32 -15.26 9.96
C THR D 216 -24.83 -16.02 8.75
N HIS D 217 -24.80 -17.34 8.86
CA HIS D 217 -25.31 -18.21 7.81
C HIS D 217 -26.51 -19.00 8.39
N GLU D 218 -26.98 -18.58 9.55
CA GLU D 218 -28.12 -19.22 10.21
C GLU D 218 -29.38 -18.44 9.86
N MET D 219 -29.96 -18.71 8.69
CA MET D 219 -31.13 -17.99 8.25
C MET D 219 -32.36 -18.15 9.15
N GLY D 220 -32.40 -19.24 9.92
CA GLY D 220 -33.50 -19.46 10.83
C GLY D 220 -33.50 -18.39 11.89
N PHE D 221 -32.31 -18.07 12.39
CA PHE D 221 -32.15 -17.03 13.40
C PHE D 221 -32.63 -15.74 12.77
N ALA D 222 -32.19 -15.49 11.54
CA ALA D 222 -32.56 -14.29 10.83
C ALA D 222 -34.06 -14.16 10.65
N ARG D 223 -34.73 -15.26 10.32
CA ARG D 223 -36.16 -15.25 10.13
C ARG D 223 -36.91 -14.99 11.43
N GLU D 224 -36.38 -15.53 12.53
CA GLU D 224 -37.01 -15.35 13.84
C GLU D 224 -36.95 -13.92 14.39
N VAL D 225 -35.75 -13.41 14.68
CA VAL D 225 -35.60 -12.07 15.27
C VAL D 225 -34.96 -10.97 14.43
N GLY D 226 -34.72 -11.24 13.15
CA GLY D 226 -34.13 -10.21 12.30
C GLY D 226 -35.16 -9.19 11.83
N ASP D 227 -34.77 -7.92 11.76
CA ASP D 227 -35.66 -6.86 11.31
C ASP D 227 -35.44 -6.60 9.83
N ARG D 228 -34.23 -6.86 9.38
CA ARG D 228 -33.86 -6.65 7.98
C ARG D 228 -32.68 -7.52 7.64
N VAL D 229 -32.54 -7.84 6.37
CA VAL D 229 -31.43 -8.65 5.92
C VAL D 229 -30.70 -7.94 4.81
N LEU D 230 -29.37 -7.88 4.92
CA LEU D 230 -28.55 -7.24 3.91
C LEU D 230 -27.72 -8.34 3.26
N PHE D 231 -27.89 -8.50 1.96
CA PHE D 231 -27.13 -9.51 1.24
C PHE D 231 -25.94 -8.82 0.59
N MET D 232 -24.73 -9.17 1.02
CA MET D 232 -23.53 -8.56 0.45
C MET D 232 -22.84 -9.45 -0.57
N ASP D 233 -22.30 -8.83 -1.61
CA ASP D 233 -21.56 -9.56 -2.63
C ASP D 233 -20.63 -8.63 -3.41
N GLY D 234 -19.40 -9.07 -3.62
CA GLY D 234 -18.44 -8.28 -4.38
C GLY D 234 -18.13 -6.88 -3.89
N GLY D 235 -18.30 -6.61 -2.60
CA GLY D 235 -18.00 -5.29 -2.10
C GLY D 235 -19.17 -4.34 -1.99
N TYR D 236 -20.36 -4.79 -2.40
CA TYR D 236 -21.56 -3.96 -2.34
C TYR D 236 -22.67 -4.73 -1.61
N ILE D 237 -23.72 -4.02 -1.25
CA ILE D 237 -24.89 -4.65 -0.64
C ILE D 237 -25.82 -4.86 -1.84
N ILE D 238 -25.93 -6.10 -2.30
CA ILE D 238 -26.74 -6.43 -3.47
C ILE D 238 -28.26 -6.39 -3.29
N GLU D 239 -28.76 -6.85 -2.15
CA GLU D 239 -30.20 -6.86 -1.93
C GLU D 239 -30.57 -6.63 -0.46
N GLU D 240 -31.65 -5.90 -0.24
CA GLU D 240 -32.14 -5.60 1.11
C GLU D 240 -33.61 -5.98 1.24
N GLY D 241 -34.06 -6.12 2.49
CA GLY D 241 -35.44 -6.47 2.69
C GLY D 241 -35.70 -7.20 3.99
N LYS D 242 -36.97 -7.35 4.34
CA LYS D 242 -37.33 -8.06 5.56
C LYS D 242 -36.99 -9.52 5.33
N PRO D 243 -36.71 -10.26 6.41
CA PRO D 243 -36.36 -11.68 6.27
C PRO D 243 -37.28 -12.43 5.31
N GLU D 244 -38.55 -12.58 5.68
CA GLU D 244 -39.54 -13.28 4.86
C GLU D 244 -39.42 -12.94 3.38
N ASP D 245 -39.45 -11.64 3.07
CA ASP D 245 -39.35 -11.18 1.69
C ASP D 245 -38.08 -11.62 0.96
N LEU D 246 -36.92 -11.30 1.52
CA LEU D 246 -35.65 -11.66 0.90
C LEU D 246 -35.45 -13.17 0.80
N PHE D 247 -35.99 -13.92 1.75
CA PHE D 247 -35.83 -15.37 1.74
C PHE D 247 -36.89 -16.12 0.90
N ASP D 248 -38.09 -15.53 0.78
CA ASP D 248 -39.17 -16.15 0.01
C ASP D 248 -39.43 -15.49 -1.35
N ARG D 249 -38.75 -14.38 -1.61
CA ARG D 249 -38.90 -13.66 -2.87
C ARG D 249 -37.57 -13.04 -3.28
N PRO D 250 -36.47 -13.80 -3.20
CA PRO D 250 -35.17 -13.24 -3.57
C PRO D 250 -35.23 -12.61 -4.96
N GLN D 251 -34.93 -11.32 -5.03
CA GLN D 251 -34.96 -10.58 -6.29
C GLN D 251 -33.76 -10.78 -7.20
N HIS D 252 -32.57 -10.96 -6.62
CA HIS D 252 -31.36 -11.14 -7.43
C HIS D 252 -30.94 -12.59 -7.60
N GLU D 253 -30.30 -12.87 -8.73
CA GLU D 253 -29.81 -14.21 -9.06
C GLU D 253 -28.84 -14.74 -8.00
N ARG D 254 -27.82 -13.93 -7.71
CA ARG D 254 -26.82 -14.29 -6.71
C ARG D 254 -27.51 -14.60 -5.39
N THR D 255 -28.46 -13.75 -5.01
CA THR D 255 -29.20 -13.94 -3.76
C THR D 255 -29.91 -15.28 -3.86
N LYS D 256 -30.65 -15.48 -4.96
CA LYS D 256 -31.38 -16.72 -5.19
C LYS D 256 -30.45 -17.91 -5.09
N ALA D 257 -29.24 -17.78 -5.64
CA ALA D 257 -28.27 -18.86 -5.62
C ALA D 257 -27.69 -19.09 -4.23
N PHE D 258 -27.46 -18.01 -3.49
CA PHE D 258 -26.89 -18.11 -2.15
C PHE D 258 -27.84 -18.83 -1.21
N LEU D 259 -29.13 -18.65 -1.45
CA LEU D 259 -30.15 -19.26 -0.61
C LEU D 259 -30.47 -20.70 -1.00
N SER D 260 -30.12 -21.10 -2.22
CA SER D 260 -30.38 -22.47 -2.67
C SER D 260 -29.67 -23.45 -1.76
N LYS D 261 -30.20 -24.66 -1.65
CA LYS D 261 -29.60 -25.67 -0.79
C LYS D 261 -28.97 -26.79 -1.60
N VAL D 262 -27.90 -27.37 -1.07
CA VAL D 262 -27.18 -28.44 -1.74
C VAL D 262 -27.58 -29.81 -1.15
N PHE D 263 -27.41 -30.87 -1.96
CA PHE D 263 -27.74 -32.23 -1.57
C PHE D 263 -29.25 -32.50 -1.53
#